data_2BQ2
# 
_entry.id   2BQ2 
# 
_audit_conform.dict_name       mmcif_pdbx.dic 
_audit_conform.dict_version    5.392 
_audit_conform.dict_location   http://mmcif.pdb.org/dictionaries/ascii/mmcif_pdbx.dic 
# 
loop_
_database_2.database_id 
_database_2.database_code 
_database_2.pdbx_database_accession 
_database_2.pdbx_DOI 
PDB   2BQ2         pdb_00002bq2 10.2210/pdb2bq2/pdb 
PDBE  EBI-22848    ?            ?                   
WWPDB D_1290022848 ?            ?                   
# 
loop_
_pdbx_audit_revision_history.ordinal 
_pdbx_audit_revision_history.data_content_type 
_pdbx_audit_revision_history.major_revision 
_pdbx_audit_revision_history.minor_revision 
_pdbx_audit_revision_history.revision_date 
1 'Structure model' 1 0 2006-08-03 
2 'Structure model' 1 1 2013-05-01 
3 'Structure model' 2 0 2018-05-09 
4 'Structure model' 2 1 2024-05-15 
# 
_pdbx_audit_revision_details.ordinal             1 
_pdbx_audit_revision_details.revision_ordinal    1 
_pdbx_audit_revision_details.data_content_type   'Structure model' 
_pdbx_audit_revision_details.provider            repository 
_pdbx_audit_revision_details.type                'Initial release' 
_pdbx_audit_revision_details.description         ? 
_pdbx_audit_revision_details.details             ? 
# 
loop_
_pdbx_audit_revision_group.ordinal 
_pdbx_audit_revision_group.revision_ordinal 
_pdbx_audit_revision_group.data_content_type 
_pdbx_audit_revision_group.group 
1  2 'Structure model' 'Atomic model'              
2  2 'Structure model' 'Derived calculations'      
3  2 'Structure model' 'Non-polymer description'   
4  2 'Structure model' Other                       
5  2 'Structure model' 'Refinement description'    
6  2 'Structure model' 'Structure summary'         
7  2 'Structure model' 'Version format compliance' 
8  3 'Structure model' 'Atomic model'              
9  3 'Structure model' 'Data collection'           
10 3 'Structure model' 'Database references'       
11 4 'Structure model' 'Data collection'           
12 4 'Structure model' 'Database references'       
13 4 'Structure model' 'Derived calculations'      
# 
loop_
_pdbx_audit_revision_category.ordinal 
_pdbx_audit_revision_category.revision_ordinal 
_pdbx_audit_revision_category.data_content_type 
_pdbx_audit_revision_category.category 
1  3 'Structure model' atom_site             
2  3 'Structure model' citation              
3  3 'Structure model' citation_author       
4  3 'Structure model' pdbx_nmr_spectrometer 
5  4 'Structure model' chem_comp_atom        
6  4 'Structure model' chem_comp_bond        
7  4 'Structure model' database_2            
8  4 'Structure model' pdbx_nmr_spectrometer 
9  4 'Structure model' struct_conn           
10 4 'Structure model' struct_site           
# 
loop_
_pdbx_audit_revision_item.ordinal 
_pdbx_audit_revision_item.revision_ordinal 
_pdbx_audit_revision_item.data_content_type 
_pdbx_audit_revision_item.item 
1  3 'Structure model' '_atom_site.B_iso_or_equiv'           
2  3 'Structure model' '_atom_site.Cartn_x'                  
3  3 'Structure model' '_atom_site.Cartn_y'                  
4  3 'Structure model' '_atom_site.Cartn_z'                  
5  3 'Structure model' '_atom_site.auth_atom_id'             
6  3 'Structure model' '_atom_site.label_atom_id'            
7  3 'Structure model' '_atom_site.type_symbol'              
8  3 'Structure model' '_citation.journal_id_ISSN'           
9  3 'Structure model' '_citation.page_last'                 
10 3 'Structure model' '_citation.pdbx_database_id_DOI'      
11 3 'Structure model' '_citation.title'                     
12 3 'Structure model' '_citation_author.name'               
13 3 'Structure model' '_pdbx_nmr_spectrometer.model'        
14 4 'Structure model' '_database_2.pdbx_DOI'                
15 4 'Structure model' '_database_2.pdbx_database_accession' 
16 4 'Structure model' '_pdbx_nmr_spectrometer.model'        
17 4 'Structure model' '_struct_conn.pdbx_leaving_atom_flag' 
18 4 'Structure model' '_struct_site.pdbx_auth_asym_id'      
19 4 'Structure model' '_struct_site.pdbx_auth_comp_id'      
20 4 'Structure model' '_struct_site.pdbx_auth_seq_id'       
# 
_pdbx_database_status.status_code                     REL 
_pdbx_database_status.entry_id                        2BQ2 
_pdbx_database_status.deposit_site                    PDBE 
_pdbx_database_status.process_site                    PDBE 
_pdbx_database_status.SG_entry                        . 
_pdbx_database_status.recvd_initial_deposition_date   2005-04-26 
_pdbx_database_status.pdb_format_compatible           Y 
_pdbx_database_status.status_code_sf                  ? 
_pdbx_database_status.status_code_mr                  ? 
_pdbx_database_status.status_code_cs                  ? 
_pdbx_database_status.methods_development_category    ? 
_pdbx_database_status.status_code_nmr_data            ? 
# 
loop_
_audit_author.name 
_audit_author.pdbx_ordinal 
_audit_author.identifier_ORCID 
'Siegmund, K.'   1 ? 
'Maheshwary, S.' 2 ? 
'Narayanan, S.'  3 ? 
'Connors, W.'    4 ? 
'Richert, M.'    5 ? 
# 
_citation.id                        primary 
_citation.title                     
;Molecular details of quinolone-DNA interactions: solution structure of an unusually stable DNA duplex with covalently linked nalidixic acid residues and non-covalent complexes derived from it.
;
_citation.journal_abbrev            'Nucleic Acids Res.' 
_citation.journal_volume            33 
_citation.page_first                4838 
_citation.page_last                 4848 
_citation.year                      2005 
_citation.journal_id_ASTM           NARHAD 
_citation.country                   UK 
_citation.journal_id_ISSN           1362-4962 
_citation.journal_id_CSD            0389 
_citation.book_publisher            ? 
_citation.pdbx_database_id_PubMed   16126848 
_citation.pdbx_database_id_DOI      10.1093/nar/gki795 
# 
loop_
_citation_author.citation_id 
_citation_author.name 
_citation_author.ordinal 
_citation_author.identifier_ORCID 
primary 'Siegmund, K.'   1 ? 
primary 'Maheshwary, S.' 2 ? 
primary 'Narayanan, S.'  3 ? 
primary 'Connors, W.'    4 ? 
primary 'Riedrich, M.'   5 ? 
primary 'Printz, M.'     6 ? 
primary 'Richert, C.'    7 ? 
# 
loop_
_entity.id 
_entity.type 
_entity.src_method 
_entity.pdbx_description 
_entity.formula_weight 
_entity.pdbx_number_of_molecules 
_entity.pdbx_ec 
_entity.pdbx_mutation 
_entity.pdbx_fragment 
_entity.details 
1 polymer     syn "5'-D(*AP*CP*GP*CP*GP*2AU)-3'" 1810.206 2 ? ? ? 
;NALIDIXIC ACID APPENDED TO THE AMINO FUNCTION OF 2'-AMINOURIDINE VIA AN AMIDE BOND
;
2 non-polymer syn 'NALIDIXIC ACID'               232.235  2 ? ? ? ? 
# 
_entity_poly.entity_id                      1 
_entity_poly.type                           polydeoxyribonucleotide 
_entity_poly.nstd_linkage                   no 
_entity_poly.nstd_monomer                   yes 
_entity_poly.pdbx_seq_one_letter_code       '(DA)(DC)(DG)(DC)(DG)(2AU)' 
_entity_poly.pdbx_seq_one_letter_code_can   ACGCGU 
_entity_poly.pdbx_strand_id                 A,B 
_entity_poly.pdbx_target_identifier         ? 
# 
_pdbx_entity_nonpoly.entity_id   2 
_pdbx_entity_nonpoly.name        'NALIDIXIC ACID' 
_pdbx_entity_nonpoly.comp_id     NIX 
# 
loop_
_entity_poly_seq.entity_id 
_entity_poly_seq.num 
_entity_poly_seq.mon_id 
_entity_poly_seq.hetero 
1 1 DA  n 
1 2 DC  n 
1 3 DG  n 
1 4 DC  n 
1 5 DG  n 
1 6 2AU n 
# 
loop_
_chem_comp.id 
_chem_comp.type 
_chem_comp.mon_nstd_flag 
_chem_comp.name 
_chem_comp.pdbx_synonyms 
_chem_comp.formula 
_chem_comp.formula_weight 
2AU 'RNA linking' n "2'-AMINOURIDINE"                    ? 'C9 H14 N3 O8 P'  323.197 
DA  'DNA linking' y "2'-DEOXYADENOSINE-5'-MONOPHOSPHATE" ? 'C10 H14 N5 O6 P' 331.222 
DC  'DNA linking' y "2'-DEOXYCYTIDINE-5'-MONOPHOSPHATE"  ? 'C9 H14 N3 O7 P'  307.197 
DG  'DNA linking' y "2'-DEOXYGUANOSINE-5'-MONOPHOSPHATE" ? 'C10 H14 N5 O7 P' 347.221 
NIX non-polymer   . 'NALIDIXIC ACID'                     ? 'C12 H12 N2 O3'   232.235 
# 
loop_
_pdbx_poly_seq_scheme.asym_id 
_pdbx_poly_seq_scheme.entity_id 
_pdbx_poly_seq_scheme.seq_id 
_pdbx_poly_seq_scheme.mon_id 
_pdbx_poly_seq_scheme.ndb_seq_num 
_pdbx_poly_seq_scheme.pdb_seq_num 
_pdbx_poly_seq_scheme.auth_seq_num 
_pdbx_poly_seq_scheme.pdb_mon_id 
_pdbx_poly_seq_scheme.auth_mon_id 
_pdbx_poly_seq_scheme.pdb_strand_id 
_pdbx_poly_seq_scheme.pdb_ins_code 
_pdbx_poly_seq_scheme.hetero 
A 1 1 DA  1 1 1 DA  DA  A . n 
A 1 2 DC  2 2 2 DC  DC  A . n 
A 1 3 DG  3 3 3 DG  DG  A . n 
A 1 4 DC  4 4 4 DC  DC  A . n 
A 1 5 DG  5 5 5 DG  DG  A . n 
A 1 6 2AU 6 6 6 2AU 2AU A . n 
B 1 1 DA  1 1 1 DA  DA  B . n 
B 1 2 DC  2 2 2 DC  DC  B . n 
B 1 3 DG  3 3 3 DG  DG  B . n 
B 1 4 DC  4 4 4 DC  DC  B . n 
B 1 5 DG  5 5 5 DG  DG  B . n 
B 1 6 2AU 6 6 6 2AU 2AU B . n 
# 
loop_
_pdbx_nonpoly_scheme.asym_id 
_pdbx_nonpoly_scheme.entity_id 
_pdbx_nonpoly_scheme.mon_id 
_pdbx_nonpoly_scheme.ndb_seq_num 
_pdbx_nonpoly_scheme.pdb_seq_num 
_pdbx_nonpoly_scheme.auth_seq_num 
_pdbx_nonpoly_scheme.pdb_mon_id 
_pdbx_nonpoly_scheme.auth_mon_id 
_pdbx_nonpoly_scheme.pdb_strand_id 
_pdbx_nonpoly_scheme.pdb_ins_code 
C 2 NIX 1 7 7 NIX NIX A . 
D 2 NIX 1 7 7 NIX NIX B . 
# 
_cell.entry_id           2BQ2 
_cell.length_a           1.000 
_cell.length_b           1.000 
_cell.length_c           1.000 
_cell.angle_alpha        90.00 
_cell.angle_beta         90.00 
_cell.angle_gamma        90.00 
_cell.Z_PDB              2 
_cell.pdbx_unique_axis   ? 
# 
_symmetry.entry_id                         2BQ2 
_symmetry.space_group_name_H-M             'P 1' 
_symmetry.pdbx_full_space_group_name_H-M   ? 
_symmetry.cell_setting                     ? 
_symmetry.Int_Tables_number                1 
# 
_exptl.entry_id          2BQ2 
_exptl.method            'SOLUTION NMR' 
_exptl.crystals_number   ? 
# 
_struct.entry_id                  2BQ2 
_struct.title                     
;Solution Structure of the DNA Duplex ACGCGU-NA with a 2' Amido-Linked Nalidixic Acid Residue at the 3' Terminal Nucleotide
;
_struct.pdbx_model_details        ? 
_struct.pdbx_CASP_flag            ? 
_struct.pdbx_model_type_details   ? 
# 
_struct_keywords.entry_id        2BQ2 
_struct_keywords.pdbx_keywords   DNA 
_struct_keywords.text            
'NUCLEIC ACID, DEOXYRIBONUCLEIC ACID, DISRUPTED TERMINAL BASEPAIRS, DNA, QUINOLONE, SYNTHETIC HYBRID, DNA COMPLEX' 
# 
loop_
_struct_asym.id 
_struct_asym.pdbx_blank_PDB_chainid_flag 
_struct_asym.pdbx_modified 
_struct_asym.entity_id 
_struct_asym.details 
A N N 1 ? 
B N N 1 ? 
C N N 2 ? 
D N N 2 ? 
# 
_struct_ref.id                         1 
_struct_ref.db_name                    PDB 
_struct_ref.db_code                    2BQ2 
_struct_ref.entity_id                  1 
_struct_ref.pdbx_seq_one_letter_code   ? 
_struct_ref.pdbx_align_begin           ? 
_struct_ref.pdbx_db_accession          2BQ2 
_struct_ref.pdbx_db_isoform            ? 
# 
loop_
_struct_ref_seq.align_id 
_struct_ref_seq.ref_id 
_struct_ref_seq.pdbx_PDB_id_code 
_struct_ref_seq.pdbx_strand_id 
_struct_ref_seq.seq_align_beg 
_struct_ref_seq.pdbx_seq_align_beg_ins_code 
_struct_ref_seq.seq_align_end 
_struct_ref_seq.pdbx_seq_align_end_ins_code 
_struct_ref_seq.pdbx_db_accession 
_struct_ref_seq.db_align_beg 
_struct_ref_seq.pdbx_db_align_beg_ins_code 
_struct_ref_seq.db_align_end 
_struct_ref_seq.pdbx_db_align_end_ins_code 
_struct_ref_seq.pdbx_auth_seq_align_beg 
_struct_ref_seq.pdbx_auth_seq_align_end 
1 1 2BQ2 A 1 ? 6 ? 2BQ2 1 ? 6 ? 1 6 
2 1 2BQ2 B 1 ? 6 ? 2BQ2 1 ? 6 ? 1 6 
# 
_pdbx_struct_assembly.id                   1 
_pdbx_struct_assembly.details              author_defined_assembly 
_pdbx_struct_assembly.method_details       ? 
_pdbx_struct_assembly.oligomeric_details   dimeric 
_pdbx_struct_assembly.oligomeric_count     2 
# 
_pdbx_struct_assembly_gen.assembly_id       1 
_pdbx_struct_assembly_gen.oper_expression   1 
_pdbx_struct_assembly_gen.asym_id_list      A,B,C,D 
# 
_pdbx_struct_oper_list.id                   1 
_pdbx_struct_oper_list.type                 'identity operation' 
_pdbx_struct_oper_list.name                 1_555 
_pdbx_struct_oper_list.symmetry_operation   x,y,z 
_pdbx_struct_oper_list.matrix[1][1]         1.0000000000 
_pdbx_struct_oper_list.matrix[1][2]         0.0000000000 
_pdbx_struct_oper_list.matrix[1][3]         0.0000000000 
_pdbx_struct_oper_list.vector[1]            0.0000000000 
_pdbx_struct_oper_list.matrix[2][1]         0.0000000000 
_pdbx_struct_oper_list.matrix[2][2]         1.0000000000 
_pdbx_struct_oper_list.matrix[2][3]         0.0000000000 
_pdbx_struct_oper_list.vector[2]            0.0000000000 
_pdbx_struct_oper_list.matrix[3][1]         0.0000000000 
_pdbx_struct_oper_list.matrix[3][2]         0.0000000000 
_pdbx_struct_oper_list.matrix[3][3]         1.0000000000 
_pdbx_struct_oper_list.vector[3]            0.0000000000 
# 
loop_
_struct_conn.id 
_struct_conn.conn_type_id 
_struct_conn.pdbx_leaving_atom_flag 
_struct_conn.pdbx_PDB_id 
_struct_conn.ptnr1_label_asym_id 
_struct_conn.ptnr1_label_comp_id 
_struct_conn.ptnr1_label_seq_id 
_struct_conn.ptnr1_label_atom_id 
_struct_conn.pdbx_ptnr1_label_alt_id 
_struct_conn.pdbx_ptnr1_PDB_ins_code 
_struct_conn.pdbx_ptnr1_standard_comp_id 
_struct_conn.ptnr1_symmetry 
_struct_conn.ptnr2_label_asym_id 
_struct_conn.ptnr2_label_comp_id 
_struct_conn.ptnr2_label_seq_id 
_struct_conn.ptnr2_label_atom_id 
_struct_conn.pdbx_ptnr2_label_alt_id 
_struct_conn.pdbx_ptnr2_PDB_ins_code 
_struct_conn.ptnr1_auth_asym_id 
_struct_conn.ptnr1_auth_comp_id 
_struct_conn.ptnr1_auth_seq_id 
_struct_conn.ptnr2_auth_asym_id 
_struct_conn.ptnr2_auth_comp_id 
_struct_conn.ptnr2_auth_seq_id 
_struct_conn.ptnr2_symmetry 
_struct_conn.pdbx_ptnr3_label_atom_id 
_struct_conn.pdbx_ptnr3_label_seq_id 
_struct_conn.pdbx_ptnr3_label_comp_id 
_struct_conn.pdbx_ptnr3_label_asym_id 
_struct_conn.pdbx_ptnr3_label_alt_id 
_struct_conn.pdbx_ptnr3_PDB_ins_code 
_struct_conn.details 
_struct_conn.pdbx_dist_value 
_struct_conn.pdbx_value_order 
_struct_conn.pdbx_role 
covale1  covale both ? A DG  5 "O3'" ? ? ? 1_555 A 2AU 6 P   ? ? A DG  5 A 2AU 6 1_555 ? ? ? ? ? ? ?            1.608 ? ? 
covale2  covale one  ? A 2AU 6 "N2'" ? ? ? 1_555 C NIX . C1L ? ? A 2AU 6 A NIX 7 1_555 ? ? ? ? ? ? ?            1.361 ? ? 
covale3  covale both ? B DG  5 "O3'" ? ? ? 1_555 B 2AU 6 P   ? ? B DG  5 B 2AU 6 1_555 ? ? ? ? ? ? ?            1.609 ? ? 
covale4  covale one  ? B 2AU 6 "N2'" ? ? ? 1_555 D NIX . C1L ? ? B 2AU 6 B NIX 7 1_555 ? ? ? ? ? ? ?            1.360 ? ? 
hydrog1  hydrog ?    ? A DC  2 N3    ? ? ? 1_555 B DG  5 N1  ? ? A DC  2 B DG  5 1_555 ? ? ? ? ? ? WATSON-CRICK ?     ? ? 
hydrog2  hydrog ?    ? A DC  2 N4    ? ? ? 1_555 B DG  5 O6  ? ? A DC  2 B DG  5 1_555 ? ? ? ? ? ? WATSON-CRICK ?     ? ? 
hydrog3  hydrog ?    ? A DC  2 O2    ? ? ? 1_555 B DG  5 N2  ? ? A DC  2 B DG  5 1_555 ? ? ? ? ? ? WATSON-CRICK ?     ? ? 
hydrog4  hydrog ?    ? A DG  3 N1    ? ? ? 1_555 B DC  4 N3  ? ? A DG  3 B DC  4 1_555 ? ? ? ? ? ? WATSON-CRICK ?     ? ? 
hydrog5  hydrog ?    ? A DG  3 N2    ? ? ? 1_555 B DC  4 O2  ? ? A DG  3 B DC  4 1_555 ? ? ? ? ? ? WATSON-CRICK ?     ? ? 
hydrog6  hydrog ?    ? A DG  3 O6    ? ? ? 1_555 B DC  4 N4  ? ? A DG  3 B DC  4 1_555 ? ? ? ? ? ? WATSON-CRICK ?     ? ? 
hydrog7  hydrog ?    ? A DC  4 N3    ? ? ? 1_555 B DG  3 N1  ? ? A DC  4 B DG  3 1_555 ? ? ? ? ? ? WATSON-CRICK ?     ? ? 
hydrog8  hydrog ?    ? A DC  4 N4    ? ? ? 1_555 B DG  3 O6  ? ? A DC  4 B DG  3 1_555 ? ? ? ? ? ? WATSON-CRICK ?     ? ? 
hydrog9  hydrog ?    ? A DC  4 O2    ? ? ? 1_555 B DG  3 N2  ? ? A DC  4 B DG  3 1_555 ? ? ? ? ? ? WATSON-CRICK ?     ? ? 
hydrog10 hydrog ?    ? A DG  5 N1    ? ? ? 1_555 B DC  2 N3  ? ? A DG  5 B DC  2 1_555 ? ? ? ? ? ? WATSON-CRICK ?     ? ? 
hydrog11 hydrog ?    ? A DG  5 N2    ? ? ? 1_555 B DC  2 O2  ? ? A DG  5 B DC  2 1_555 ? ? ? ? ? ? WATSON-CRICK ?     ? ? 
hydrog12 hydrog ?    ? A DG  5 O6    ? ? ? 1_555 B DC  2 N4  ? ? A DG  5 B DC  2 1_555 ? ? ? ? ? ? WATSON-CRICK ?     ? ? 
# 
loop_
_struct_conn_type.id 
_struct_conn_type.criteria 
_struct_conn_type.reference 
covale ? ? 
hydrog ? ? 
# 
loop_
_struct_site.id 
_struct_site.pdbx_evidence_code 
_struct_site.pdbx_auth_asym_id 
_struct_site.pdbx_auth_comp_id 
_struct_site.pdbx_auth_seq_id 
_struct_site.pdbx_auth_ins_code 
_struct_site.pdbx_num_residues 
_struct_site.details 
AC1 Software A NIX 7 ? 4 'BINDING SITE FOR RESIDUE NIX A 7' 
AC2 Software B NIX 7 ? 4 'BINDING SITE FOR RESIDUE NIX B 7' 
# 
loop_
_struct_site_gen.id 
_struct_site_gen.site_id 
_struct_site_gen.pdbx_num_res 
_struct_site_gen.label_comp_id 
_struct_site_gen.label_asym_id 
_struct_site_gen.label_seq_id 
_struct_site_gen.pdbx_auth_ins_code 
_struct_site_gen.auth_comp_id 
_struct_site_gen.auth_asym_id 
_struct_site_gen.auth_seq_id 
_struct_site_gen.label_atom_id 
_struct_site_gen.label_alt_id 
_struct_site_gen.symmetry 
_struct_site_gen.details 
1 AC1 4 DG  A 5 ? DG  A 5 . ? 1_555 ? 
2 AC1 4 2AU A 6 ? 2AU A 6 . ? 1_555 ? 
3 AC1 4 DA  B 1 ? DA  B 1 . ? 1_555 ? 
4 AC1 4 DC  B 2 ? DC  B 2 . ? 1_555 ? 
5 AC2 4 DA  A 1 ? DA  A 1 . ? 1_555 ? 
6 AC2 4 DC  A 2 ? DC  A 2 . ? 1_555 ? 
7 AC2 4 DG  B 5 ? DG  B 5 . ? 1_555 ? 
8 AC2 4 2AU B 6 ? 2AU B 6 . ? 1_555 ? 
# 
loop_
_pdbx_struct_mod_residue.id 
_pdbx_struct_mod_residue.label_asym_id 
_pdbx_struct_mod_residue.label_comp_id 
_pdbx_struct_mod_residue.label_seq_id 
_pdbx_struct_mod_residue.auth_asym_id 
_pdbx_struct_mod_residue.auth_comp_id 
_pdbx_struct_mod_residue.auth_seq_id 
_pdbx_struct_mod_residue.PDB_ins_code 
_pdbx_struct_mod_residue.parent_comp_id 
_pdbx_struct_mod_residue.details 
1 A 2AU 6 A 2AU 6 ? U "2'-AMINOURIDINE" 
2 B 2AU 6 B 2AU 6 ? U "2'-AMINOURIDINE" 
# 
_pdbx_nmr_ensemble.entry_id                             2BQ2 
_pdbx_nmr_ensemble.conformers_calculated_total_number   80 
_pdbx_nmr_ensemble.conformers_submitted_total_number    2 
_pdbx_nmr_ensemble.conformer_selection_criteria         'LOWEST CALCULATED ENERGIES' 
# 
_pdbx_nmr_sample_details.solution_id      1 
_pdbx_nmr_sample_details.contents         'D2O AND 90% WATER/ 10%D2O' 
_pdbx_nmr_sample_details.solvent_system   ? 
_pdbx_nmr_sample_details.label            ? 
_pdbx_nmr_sample_details.type             ? 
_pdbx_nmr_sample_details.details          ? 
# 
_pdbx_nmr_exptl_sample_conditions.conditions_id          1 
_pdbx_nmr_exptl_sample_conditions.temperature            283.0 
_pdbx_nmr_exptl_sample_conditions.pressure_units         atm 
_pdbx_nmr_exptl_sample_conditions.pressure               1.0 
_pdbx_nmr_exptl_sample_conditions.pH                     7.0 
_pdbx_nmr_exptl_sample_conditions.ionic_strength         160 
_pdbx_nmr_exptl_sample_conditions.ionic_strength_units   mM 
_pdbx_nmr_exptl_sample_conditions.pH_units               pH 
_pdbx_nmr_exptl_sample_conditions.temperature_units      K 
_pdbx_nmr_exptl_sample_conditions.label                  ? 
# 
loop_
_pdbx_nmr_exptl.experiment_id 
_pdbx_nmr_exptl.conditions_id 
_pdbx_nmr_exptl.type 
_pdbx_nmr_exptl.solution_id 
1 1 NOESY 1 
2 1 COSY  1 
3 1 TOCSY 1 
4 1 HSQC  1 
# 
_pdbx_nmr_details.entry_id   2BQ2 
_pdbx_nmr_details.text       NONE 
# 
_pdbx_nmr_refine.entry_id           2BQ2 
_pdbx_nmr_refine.method             'simulated annealing' 
_pdbx_nmr_refine.details            'SEE PRIMARY CITATION FOR DETAILS' 
_pdbx_nmr_refine.software_ordinal   1 
# 
loop_
_pdbx_nmr_software.classification 
_pdbx_nmr_software.name 
_pdbx_nmr_software.version 
_pdbx_nmr_software.authors 
_pdbx_nmr_software.ordinal 
refinement           CNS ? 
'BRUNGER,ADAMS,CLORE,DELANO,GROS,GROSSE- KUNSTLEVE,JIANG,KUSZEWSKI,NILGES,PANNU,READ, RICE,SIMONSON,WARREN' 1 
'structure solution' CNS ? ? 2 
# 
loop_
_chem_comp_atom.comp_id 
_chem_comp_atom.atom_id 
_chem_comp_atom.type_symbol 
_chem_comp_atom.pdbx_aromatic_flag 
_chem_comp_atom.pdbx_stereo_config 
_chem_comp_atom.pdbx_ordinal 
2AU OP3    O N N 1   
2AU P      P N N 2   
2AU OP1    O N N 3   
2AU "O5'"  O N N 4   
2AU "C5'"  C N N 5   
2AU "C4'"  C N R 6   
2AU "O4'"  O N N 7   
2AU "C3'"  C N S 8   
2AU "O3'"  O N N 9   
2AU "C2'"  C N R 10  
2AU "C1'"  C N R 11  
2AU N1     N N N 12  
2AU C2     C N N 13  
2AU O2     O N N 14  
2AU N3     N N N 15  
2AU C4     C N N 16  
2AU O4     O N N 17  
2AU C5     C N N 18  
2AU C6     C N N 19  
2AU "N2'"  N N N 20  
2AU H1P1   H N N 21  
2AU "H5'"  H N N 22  
2AU "H5''" H N N 23  
2AU "H4'"  H N N 24  
2AU "H3'"  H N N 25  
2AU "HO3'" H N N 26  
2AU "H2'"  H N N 27  
2AU "H1'"  H N N 28  
2AU H3     H N N 29  
2AU H5     H N N 30  
2AU H6     H N N 31  
2AU HA1    H N N 32  
2AU "H2''" H N N 33  
2AU OP2    O N N 34  
2AU H2P1   H N N 35  
DA  OP3    O N N 36  
DA  P      P N N 37  
DA  OP1    O N N 38  
DA  OP2    O N N 39  
DA  "O5'"  O N N 40  
DA  "C5'"  C N N 41  
DA  "C4'"  C N R 42  
DA  "O4'"  O N N 43  
DA  "C3'"  C N S 44  
DA  "O3'"  O N N 45  
DA  "C2'"  C N N 46  
DA  "C1'"  C N R 47  
DA  N9     N Y N 48  
DA  C8     C Y N 49  
DA  N7     N Y N 50  
DA  C5     C Y N 51  
DA  C6     C Y N 52  
DA  N6     N N N 53  
DA  N1     N Y N 54  
DA  C2     C Y N 55  
DA  N3     N Y N 56  
DA  C4     C Y N 57  
DA  HOP3   H N N 58  
DA  HOP2   H N N 59  
DA  "H5'"  H N N 60  
DA  "H5''" H N N 61  
DA  "H4'"  H N N 62  
DA  "H3'"  H N N 63  
DA  "HO3'" H N N 64  
DA  "H2'"  H N N 65  
DA  "H2''" H N N 66  
DA  "H1'"  H N N 67  
DA  H8     H N N 68  
DA  H61    H N N 69  
DA  H62    H N N 70  
DA  H2     H N N 71  
DC  OP3    O N N 72  
DC  P      P N N 73  
DC  OP1    O N N 74  
DC  OP2    O N N 75  
DC  "O5'"  O N N 76  
DC  "C5'"  C N N 77  
DC  "C4'"  C N R 78  
DC  "O4'"  O N N 79  
DC  "C3'"  C N S 80  
DC  "O3'"  O N N 81  
DC  "C2'"  C N N 82  
DC  "C1'"  C N R 83  
DC  N1     N N N 84  
DC  C2     C N N 85  
DC  O2     O N N 86  
DC  N3     N N N 87  
DC  C4     C N N 88  
DC  N4     N N N 89  
DC  C5     C N N 90  
DC  C6     C N N 91  
DC  HOP3   H N N 92  
DC  HOP2   H N N 93  
DC  "H5'"  H N N 94  
DC  "H5''" H N N 95  
DC  "H4'"  H N N 96  
DC  "H3'"  H N N 97  
DC  "HO3'" H N N 98  
DC  "H2'"  H N N 99  
DC  "H2''" H N N 100 
DC  "H1'"  H N N 101 
DC  H41    H N N 102 
DC  H42    H N N 103 
DC  H5     H N N 104 
DC  H6     H N N 105 
DG  OP3    O N N 106 
DG  P      P N N 107 
DG  OP1    O N N 108 
DG  OP2    O N N 109 
DG  "O5'"  O N N 110 
DG  "C5'"  C N N 111 
DG  "C4'"  C N R 112 
DG  "O4'"  O N N 113 
DG  "C3'"  C N S 114 
DG  "O3'"  O N N 115 
DG  "C2'"  C N N 116 
DG  "C1'"  C N R 117 
DG  N9     N Y N 118 
DG  C8     C Y N 119 
DG  N7     N Y N 120 
DG  C5     C Y N 121 
DG  C6     C N N 122 
DG  O6     O N N 123 
DG  N1     N N N 124 
DG  C2     C N N 125 
DG  N2     N N N 126 
DG  N3     N N N 127 
DG  C4     C Y N 128 
DG  HOP3   H N N 129 
DG  HOP2   H N N 130 
DG  "H5'"  H N N 131 
DG  "H5''" H N N 132 
DG  "H4'"  H N N 133 
DG  "H3'"  H N N 134 
DG  "HO3'" H N N 135 
DG  "H2'"  H N N 136 
DG  "H2''" H N N 137 
DG  "H1'"  H N N 138 
DG  H8     H N N 139 
DG  H1     H N N 140 
DG  H21    H N N 141 
DG  H22    H N N 142 
NIX N1     N Y N 143 
NIX C2     C Y N 144 
NIX C3     C Y N 145 
NIX C4     C Y N 146 
NIX O4     O N N 147 
NIX C4A    C Y N 148 
NIX C5     C Y N 149 
NIX C6     C Y N 150 
NIX C7     C Y N 151 
NIX N8     N Y N 152 
NIX C8A    C Y N 153 
NIX C9     C N N 154 
NIX C1E    C N N 155 
NIX C2E    C N N 156 
NIX C1L    C N N 157 
NIX O1L    O N N 158 
NIX O2L    O N N 159 
NIX H2     H N N 160 
NIX H5     H N N 161 
NIX H6     H N N 162 
NIX H91    H N N 163 
NIX H92    H N N 164 
NIX H93    H N N 165 
NIX HE11   H N N 166 
NIX HE21   H N N 167 
NIX HE12   H N N 168 
NIX HE22   H N N 169 
NIX HE32   H N N 170 
NIX H2L1   H N N 171 
# 
loop_
_chem_comp_bond.comp_id 
_chem_comp_bond.atom_id_1 
_chem_comp_bond.atom_id_2 
_chem_comp_bond.value_order 
_chem_comp_bond.pdbx_aromatic_flag 
_chem_comp_bond.pdbx_stereo_config 
_chem_comp_bond.pdbx_ordinal 
2AU OP3   P      doub N N 1   
2AU P     OP1    sing N N 2   
2AU P     "O5'"  sing N N 3   
2AU OP1   H1P1   sing N N 4   
2AU "O5'" "C5'"  sing N N 5   
2AU "C5'" "C4'"  sing N N 6   
2AU "C5'" "H5'"  sing N N 7   
2AU "C5'" "H5''" sing N N 8   
2AU "C4'" "O4'"  sing N N 9   
2AU "C4'" "C3'"  sing N N 10  
2AU "C4'" "H4'"  sing N N 11  
2AU "O4'" "C1'"  sing N N 12  
2AU "C3'" "O3'"  sing N N 13  
2AU "C3'" "C2'"  sing N N 14  
2AU "C3'" "H3'"  sing N N 15  
2AU "O3'" "HO3'" sing N N 16  
2AU "C2'" "C1'"  sing N N 17  
2AU "C2'" "N2'"  sing N N 18  
2AU "C2'" "H2'"  sing N N 19  
2AU "C1'" N1     sing N N 20  
2AU "C1'" "H1'"  sing N N 21  
2AU N1    C2     sing N N 22  
2AU N1    C6     sing N N 23  
2AU C2    O2     doub N N 24  
2AU C2    N3     sing N N 25  
2AU N3    C4     sing N N 26  
2AU N3    H3     sing N N 27  
2AU C4    O4     doub N N 28  
2AU C4    C5     sing N N 29  
2AU C5    C6     doub N N 30  
2AU C5    H5     sing N N 31  
2AU C6    H6     sing N N 32  
2AU "N2'" HA1    sing N N 33  
2AU "N2'" "H2''" sing N N 34  
2AU OP2   P      sing N N 35  
2AU OP2   H2P1   sing N N 36  
DA  OP3   P      sing N N 37  
DA  OP3   HOP3   sing N N 38  
DA  P     OP1    doub N N 39  
DA  P     OP2    sing N N 40  
DA  P     "O5'"  sing N N 41  
DA  OP2   HOP2   sing N N 42  
DA  "O5'" "C5'"  sing N N 43  
DA  "C5'" "C4'"  sing N N 44  
DA  "C5'" "H5'"  sing N N 45  
DA  "C5'" "H5''" sing N N 46  
DA  "C4'" "O4'"  sing N N 47  
DA  "C4'" "C3'"  sing N N 48  
DA  "C4'" "H4'"  sing N N 49  
DA  "O4'" "C1'"  sing N N 50  
DA  "C3'" "O3'"  sing N N 51  
DA  "C3'" "C2'"  sing N N 52  
DA  "C3'" "H3'"  sing N N 53  
DA  "O3'" "HO3'" sing N N 54  
DA  "C2'" "C1'"  sing N N 55  
DA  "C2'" "H2'"  sing N N 56  
DA  "C2'" "H2''" sing N N 57  
DA  "C1'" N9     sing N N 58  
DA  "C1'" "H1'"  sing N N 59  
DA  N9    C8     sing Y N 60  
DA  N9    C4     sing Y N 61  
DA  C8    N7     doub Y N 62  
DA  C8    H8     sing N N 63  
DA  N7    C5     sing Y N 64  
DA  C5    C6     sing Y N 65  
DA  C5    C4     doub Y N 66  
DA  C6    N6     sing N N 67  
DA  C6    N1     doub Y N 68  
DA  N6    H61    sing N N 69  
DA  N6    H62    sing N N 70  
DA  N1    C2     sing Y N 71  
DA  C2    N3     doub Y N 72  
DA  C2    H2     sing N N 73  
DA  N3    C4     sing Y N 74  
DC  OP3   P      sing N N 75  
DC  OP3   HOP3   sing N N 76  
DC  P     OP1    doub N N 77  
DC  P     OP2    sing N N 78  
DC  P     "O5'"  sing N N 79  
DC  OP2   HOP2   sing N N 80  
DC  "O5'" "C5'"  sing N N 81  
DC  "C5'" "C4'"  sing N N 82  
DC  "C5'" "H5'"  sing N N 83  
DC  "C5'" "H5''" sing N N 84  
DC  "C4'" "O4'"  sing N N 85  
DC  "C4'" "C3'"  sing N N 86  
DC  "C4'" "H4'"  sing N N 87  
DC  "O4'" "C1'"  sing N N 88  
DC  "C3'" "O3'"  sing N N 89  
DC  "C3'" "C2'"  sing N N 90  
DC  "C3'" "H3'"  sing N N 91  
DC  "O3'" "HO3'" sing N N 92  
DC  "C2'" "C1'"  sing N N 93  
DC  "C2'" "H2'"  sing N N 94  
DC  "C2'" "H2''" sing N N 95  
DC  "C1'" N1     sing N N 96  
DC  "C1'" "H1'"  sing N N 97  
DC  N1    C2     sing N N 98  
DC  N1    C6     sing N N 99  
DC  C2    O2     doub N N 100 
DC  C2    N3     sing N N 101 
DC  N3    C4     doub N N 102 
DC  C4    N4     sing N N 103 
DC  C4    C5     sing N N 104 
DC  N4    H41    sing N N 105 
DC  N4    H42    sing N N 106 
DC  C5    C6     doub N N 107 
DC  C5    H5     sing N N 108 
DC  C6    H6     sing N N 109 
DG  OP3   P      sing N N 110 
DG  OP3   HOP3   sing N N 111 
DG  P     OP1    doub N N 112 
DG  P     OP2    sing N N 113 
DG  P     "O5'"  sing N N 114 
DG  OP2   HOP2   sing N N 115 
DG  "O5'" "C5'"  sing N N 116 
DG  "C5'" "C4'"  sing N N 117 
DG  "C5'" "H5'"  sing N N 118 
DG  "C5'" "H5''" sing N N 119 
DG  "C4'" "O4'"  sing N N 120 
DG  "C4'" "C3'"  sing N N 121 
DG  "C4'" "H4'"  sing N N 122 
DG  "O4'" "C1'"  sing N N 123 
DG  "C3'" "O3'"  sing N N 124 
DG  "C3'" "C2'"  sing N N 125 
DG  "C3'" "H3'"  sing N N 126 
DG  "O3'" "HO3'" sing N N 127 
DG  "C2'" "C1'"  sing N N 128 
DG  "C2'" "H2'"  sing N N 129 
DG  "C2'" "H2''" sing N N 130 
DG  "C1'" N9     sing N N 131 
DG  "C1'" "H1'"  sing N N 132 
DG  N9    C8     sing Y N 133 
DG  N9    C4     sing Y N 134 
DG  C8    N7     doub Y N 135 
DG  C8    H8     sing N N 136 
DG  N7    C5     sing Y N 137 
DG  C5    C6     sing N N 138 
DG  C5    C4     doub Y N 139 
DG  C6    O6     doub N N 140 
DG  C6    N1     sing N N 141 
DG  N1    C2     sing N N 142 
DG  N1    H1     sing N N 143 
DG  C2    N2     sing N N 144 
DG  C2    N3     doub N N 145 
DG  N2    H21    sing N N 146 
DG  N2    H22    sing N N 147 
DG  N3    C4     sing N N 148 
NIX N1    C2     sing Y N 149 
NIX N1    C8A    sing Y N 150 
NIX N1    C1E    sing N N 151 
NIX C2    C3     doub Y N 152 
NIX C2    H2     sing N N 153 
NIX C3    C4     sing Y N 154 
NIX C3    C1L    sing N N 155 
NIX C4    O4     doub N N 156 
NIX C4    C4A    sing Y N 157 
NIX C4A   C5     doub Y N 158 
NIX C4A   C8A    sing Y N 159 
NIX C5    C6     sing Y N 160 
NIX C5    H5     sing N N 161 
NIX C6    C7     doub Y N 162 
NIX C6    H6     sing N N 163 
NIX C7    N8     sing Y N 164 
NIX C7    C9     sing N N 165 
NIX N8    C8A    doub Y N 166 
NIX C9    H91    sing N N 167 
NIX C9    H92    sing N N 168 
NIX C9    H93    sing N N 169 
NIX C1E   C2E    sing N N 170 
NIX C1E   HE11   sing N N 171 
NIX C1E   HE21   sing N N 172 
NIX C2E   HE12   sing N N 173 
NIX C2E   HE22   sing N N 174 
NIX C2E   HE32   sing N N 175 
NIX C1L   O1L    doub N N 176 
NIX C1L   O2L    sing N N 177 
NIX O2L   H2L1   sing N N 178 
# 
_ndb_struct_conf_na.entry_id   2BQ2 
_ndb_struct_conf_na.feature    'b-form double helix' 
# 
loop_
_ndb_struct_na_base_pair.model_number 
_ndb_struct_na_base_pair.i_label_asym_id 
_ndb_struct_na_base_pair.i_label_comp_id 
_ndb_struct_na_base_pair.i_label_seq_id 
_ndb_struct_na_base_pair.i_symmetry 
_ndb_struct_na_base_pair.j_label_asym_id 
_ndb_struct_na_base_pair.j_label_comp_id 
_ndb_struct_na_base_pair.j_label_seq_id 
_ndb_struct_na_base_pair.j_symmetry 
_ndb_struct_na_base_pair.shear 
_ndb_struct_na_base_pair.stretch 
_ndb_struct_na_base_pair.stagger 
_ndb_struct_na_base_pair.buckle 
_ndb_struct_na_base_pair.propeller 
_ndb_struct_na_base_pair.opening 
_ndb_struct_na_base_pair.pair_number 
_ndb_struct_na_base_pair.pair_name 
_ndb_struct_na_base_pair.i_auth_asym_id 
_ndb_struct_na_base_pair.i_auth_seq_id 
_ndb_struct_na_base_pair.i_PDB_ins_code 
_ndb_struct_na_base_pair.j_auth_asym_id 
_ndb_struct_na_base_pair.j_auth_seq_id 
_ndb_struct_na_base_pair.j_PDB_ins_code 
_ndb_struct_na_base_pair.hbond_type_28 
_ndb_struct_na_base_pair.hbond_type_12 
1 A DC 2 1_555 B DG 5 1_555 0.548  -0.285 0.238 -9.368 -8.787  -1.028 1 A_DC2:DG5_B A 2 ? B 5 ? 19 1 
1 A DG 3 1_555 B DC 4 1_555 -0.470 -0.189 0.221 -2.966 -11.130 2.464  2 A_DG3:DC4_B A 3 ? B 4 ? 19 1 
1 A DC 4 1_555 B DG 3 1_555 0.485  -0.196 0.230 3.139  -11.192 2.321  3 A_DC4:DG3_B A 4 ? B 3 ? 19 1 
1 A DG 5 1_555 B DC 2 1_555 -0.564 -0.286 0.238 9.461  -8.519  -0.921 4 A_DG5:DC2_B A 5 ? B 2 ? 19 1 
# 
loop_
_ndb_struct_na_base_pair_step.model_number 
_ndb_struct_na_base_pair_step.i_label_asym_id_1 
_ndb_struct_na_base_pair_step.i_label_comp_id_1 
_ndb_struct_na_base_pair_step.i_label_seq_id_1 
_ndb_struct_na_base_pair_step.i_symmetry_1 
_ndb_struct_na_base_pair_step.j_label_asym_id_1 
_ndb_struct_na_base_pair_step.j_label_comp_id_1 
_ndb_struct_na_base_pair_step.j_label_seq_id_1 
_ndb_struct_na_base_pair_step.j_symmetry_1 
_ndb_struct_na_base_pair_step.i_label_asym_id_2 
_ndb_struct_na_base_pair_step.i_label_comp_id_2 
_ndb_struct_na_base_pair_step.i_label_seq_id_2 
_ndb_struct_na_base_pair_step.i_symmetry_2 
_ndb_struct_na_base_pair_step.j_label_asym_id_2 
_ndb_struct_na_base_pair_step.j_label_comp_id_2 
_ndb_struct_na_base_pair_step.j_label_seq_id_2 
_ndb_struct_na_base_pair_step.j_symmetry_2 
_ndb_struct_na_base_pair_step.shift 
_ndb_struct_na_base_pair_step.slide 
_ndb_struct_na_base_pair_step.rise 
_ndb_struct_na_base_pair_step.tilt 
_ndb_struct_na_base_pair_step.roll 
_ndb_struct_na_base_pair_step.twist 
_ndb_struct_na_base_pair_step.x_displacement 
_ndb_struct_na_base_pair_step.y_displacement 
_ndb_struct_na_base_pair_step.helical_rise 
_ndb_struct_na_base_pair_step.inclination 
_ndb_struct_na_base_pair_step.tip 
_ndb_struct_na_base_pair_step.helical_twist 
_ndb_struct_na_base_pair_step.step_number 
_ndb_struct_na_base_pair_step.step_name 
_ndb_struct_na_base_pair_step.i_auth_asym_id_1 
_ndb_struct_na_base_pair_step.i_auth_seq_id_1 
_ndb_struct_na_base_pair_step.i_PDB_ins_code_1 
_ndb_struct_na_base_pair_step.j_auth_asym_id_1 
_ndb_struct_na_base_pair_step.j_auth_seq_id_1 
_ndb_struct_na_base_pair_step.j_PDB_ins_code_1 
_ndb_struct_na_base_pair_step.i_auth_asym_id_2 
_ndb_struct_na_base_pair_step.i_auth_seq_id_2 
_ndb_struct_na_base_pair_step.i_PDB_ins_code_2 
_ndb_struct_na_base_pair_step.j_auth_asym_id_2 
_ndb_struct_na_base_pair_step.j_auth_seq_id_2 
_ndb_struct_na_base_pair_step.j_PDB_ins_code_2 
1 A DC 2 1_555 B DG 5 1_555 A DG 3 1_555 B DC 4 1_555 -0.518 1.075 3.513 -1.192 5.590  27.737 0.762 0.753  3.673 11.506 2.453  
28.308 1 AA_DC2DG3:DC4DG5_BB A 2 ? B 5 ? A 3 ? B 4 ? 
1 A DG 3 1_555 B DC 4 1_555 A DC 4 1_555 B DG 3 1_555 -0.006 1.272 3.331 -0.051 -4.271 40.190 2.321 0.002  3.185 -6.194 0.073  
40.407 2 AA_DG3DC4:DG3DC4_BB A 3 ? B 4 ? A 4 ? B 3 ? 
1 A DC 4 1_555 B DG 3 1_555 A DG 5 1_555 B DC 2 1_555 0.539  1.070 3.522 1.229  5.415  27.605 0.790 -0.788 3.681 11.204 -2.542 
28.147 3 AA_DC4DG5:DC2DG3_BB A 4 ? B 3 ? A 5 ? B 2 ? 
# 
_pdbx_nmr_spectrometer.spectrometer_id   1 
_pdbx_nmr_spectrometer.model             AVANCE 
_pdbx_nmr_spectrometer.manufacturer      Bruker 
_pdbx_nmr_spectrometer.field_strength    800 
_pdbx_nmr_spectrometer.type              ? 
# 
_atom_sites.entry_id                    2BQ2 
_atom_sites.fract_transf_matrix[1][1]   1.000000 
_atom_sites.fract_transf_matrix[1][2]   0.000000 
_atom_sites.fract_transf_matrix[1][3]   0.000000 
_atom_sites.fract_transf_matrix[2][1]   0.000000 
_atom_sites.fract_transf_matrix[2][2]   1.000000 
_atom_sites.fract_transf_matrix[2][3]   0.000000 
_atom_sites.fract_transf_matrix[3][1]   0.000000 
_atom_sites.fract_transf_matrix[3][2]   0.000000 
_atom_sites.fract_transf_matrix[3][3]   1.000000 
_atom_sites.fract_transf_vector[1]      0.00000 
_atom_sites.fract_transf_vector[2]      0.00000 
_atom_sites.fract_transf_vector[3]      0.00000 
# 
loop_
_atom_type.symbol 
C 
H 
N 
O 
P 
# 
loop_
_atom_site.group_PDB 
_atom_site.id 
_atom_site.type_symbol 
_atom_site.label_atom_id 
_atom_site.label_alt_id 
_atom_site.label_comp_id 
_atom_site.label_asym_id 
_atom_site.label_entity_id 
_atom_site.label_seq_id 
_atom_site.pdbx_PDB_ins_code 
_atom_site.Cartn_x 
_atom_site.Cartn_y 
_atom_site.Cartn_z 
_atom_site.occupancy 
_atom_site.B_iso_or_equiv 
_atom_site.pdbx_formal_charge 
_atom_site.auth_seq_id 
_atom_site.auth_comp_id 
_atom_site.auth_asym_id 
_atom_site.auth_atom_id 
_atom_site.pdbx_PDB_model_num 
ATOM   1   O "O5'"  . DA  A 1 1 ? -4.189  -14.862 6.875   1.00 1.81 ? 1 DA  A "O5'"  1 
ATOM   2   C "C5'"  . DA  A 1 1 ? -4.655  -13.930 5.894   1.00 1.06 ? 1 DA  A "C5'"  1 
ATOM   3   C "C4'"  . DA  A 1 1 ? -3.515  -13.097 5.358   1.00 0.80 ? 1 DA  A "C4'"  1 
ATOM   4   O "O4'"  . DA  A 1 1 ? -3.816  -12.720 3.990   1.00 0.68 ? 1 DA  A "O4'"  1 
ATOM   5   C "C3'"  . DA  A 1 1 ? -3.265  -11.784 6.107   1.00 0.58 ? 1 DA  A "C3'"  1 
ATOM   6   O "O3'"  . DA  A 1 1 ? -1.861  -11.504 6.165   1.00 0.65 ? 1 DA  A "O3'"  1 
ATOM   7   C "C2'"  . DA  A 1 1 ? -3.979  -10.755 5.250   1.00 0.43 ? 1 DA  A "C2'"  1 
ATOM   8   C "C1'"  . DA  A 1 1 ? -3.759  -11.310 3.857   1.00 0.47 ? 1 DA  A "C1'"  1 
ATOM   9   N N9     . DA  A 1 1 ? -4.755  -10.911 2.862   1.00 0.41 ? 1 DA  A N9     1 
ATOM   10  C C8     . DA  A 1 1 ? -4.695  -11.106 1.505   1.00 0.47 ? 1 DA  A C8     1 
ATOM   11  N N7     . DA  A 1 1 ? -5.732  -10.635 0.857   1.00 0.43 ? 1 DA  A N7     1 
ATOM   12  C C5     . DA  A 1 1 ? -6.531  -10.094 1.854   1.00 0.34 ? 1 DA  A C5     1 
ATOM   13  C C6     . DA  A 1 1 ? -7.774  -9.439  1.818   1.00 0.31 ? 1 DA  A C6     1 
ATOM   14  N N6     . DA  A 1 1 ? -8.456  -9.203  0.697   1.00 0.35 ? 1 DA  A N6     1 
ATOM   15  N N1     . DA  A 1 1 ? -8.299  -9.026  2.991   1.00 0.29 ? 1 DA  A N1     1 
ATOM   16  C C2     . DA  A 1 1 ? -7.615  -9.258  4.117   1.00 0.28 ? 1 DA  A C2     1 
ATOM   17  N N3     . DA  A 1 1 ? -6.438  -9.857  4.279   1.00 0.29 ? 1 DA  A N3     1 
ATOM   18  C C4     . DA  A 1 1 ? -5.942  -10.259 3.094   1.00 0.33 ? 1 DA  A C4     1 
ATOM   19  H "H5'"  . DA  A 1 1 ? -5.397  -13.271 6.343   1.00 0.94 ? 1 DA  A "H5'"  1 
ATOM   20  H "H5''" . DA  A 1 1 ? -5.115  -14.472 5.067   1.00 1.31 ? 1 DA  A "H5''" 1 
ATOM   21  H "H4'"  . DA  A 1 1 ? -2.602  -13.687 5.450   1.00 1.04 ? 1 DA  A "H4'"  1 
ATOM   22  H "H3'"  . DA  A 1 1 ? -3.666  -11.825 7.118   1.00 0.76 ? 1 DA  A "H3'"  1 
ATOM   23  H "H2'"  . DA  A 1 1 ? -5.036  -10.690 5.507   1.00 0.60 ? 1 DA  A "H2'"  1 
ATOM   24  H "H2''" . DA  A 1 1 ? -3.547  -9.764  5.379   1.00 0.51 ? 1 DA  A "H2''" 1 
ATOM   25  H "H1'"  . DA  A 1 1 ? -2.767  -11.049 3.484   1.00 0.57 ? 1 DA  A "H1'"  1 
ATOM   26  H H8     . DA  A 1 1 ? -3.870  -11.601 1.016   1.00 0.56 ? 1 DA  A H8     1 
ATOM   27  H H61    . DA  A 1 1 ? -9.344  -8.726  0.745   1.00 0.37 ? 1 DA  A H61    1 
ATOM   28  H H62    . DA  A 1 1 ? -8.090  -9.497  -0.198  1.00 0.40 ? 1 DA  A H62    1 
ATOM   29  H H2     . DA  A 1 1 ? -8.088  -8.903  5.033   1.00 0.31 ? 1 DA  A H2     1 
ATOM   30  H "HO5'" . DA  A 1 1 ? -3.816  -15.615 6.406   1.00 1.98 ? 1 DA  A "HO5'" 1 
ATOM   31  P P      . DC  A 1 2 ? -1.298  -10.452 7.243   1.00 0.76 ? 2 DC  A P      1 
ATOM   32  O OP1    . DC  A 1 2 ? -1.149  -11.174 8.529   1.00 1.74 ? 2 DC  A OP1    1 
ATOM   33  O OP2    . DC  A 1 2 ? -2.140  -9.231  7.186   1.00 1.60 ? 2 DC  A OP2    1 
ATOM   34  O "O5'"  . DC  A 1 2 ? 0.160   -10.096 6.705   1.00 0.66 ? 2 DC  A "O5'"  1 
ATOM   35  C "C5'"  . DC  A 1 2 ? 0.540   -8.749  6.416   1.00 0.47 ? 2 DC  A "C5'"  1 
ATOM   36  C "C4'"  . DC  A 1 2 ? 0.936   -8.620  4.963   1.00 0.39 ? 2 DC  A "C4'"  1 
ATOM   37  O "O4'"  . DC  A 1 2 ? -0.101  -7.893  4.262   1.00 0.48 ? 2 DC  A "O4'"  1 
ATOM   38  C "C3'"  . DC  A 1 2 ? 2.230   -7.847  4.707   1.00 0.44 ? 2 DC  A "C3'"  1 
ATOM   39  O "O3'"  . DC  A 1 2 ? 2.901   -8.368  3.553   1.00 0.46 ? 2 DC  A "O3'"  1 
ATOM   40  C "C2'"  . DC  A 1 2 ? 1.746   -6.431  4.458   1.00 0.42 ? 2 DC  A "C2'"  1 
ATOM   41  C "C1'"  . DC  A 1 2 ? 0.376   -6.628  3.823   1.00 0.42 ? 2 DC  A "C1'"  1 
ATOM   42  N N1     . DC  A 1 2 ? -0.630  -5.620  4.196   1.00 0.39 ? 2 DC  A N1     1 
ATOM   43  C C2     . DC  A 1 2 ? -1.493  -5.129  3.212   1.00 0.37 ? 2 DC  A C2     1 
ATOM   44  O O2     . DC  A 1 2 ? -1.373  -5.537  2.047   1.00 0.38 ? 2 DC  A O2     1 
ATOM   45  N N3     . DC  A 1 2 ? -2.438  -4.224  3.551   1.00 0.35 ? 2 DC  A N3     1 
ATOM   46  C C4     . DC  A 1 2 ? -2.534  -3.802  4.814   1.00 0.35 ? 2 DC  A C4     1 
ATOM   47  N N4     . DC  A 1 2 ? -3.483  -2.912  5.104   1.00 0.34 ? 2 DC  A N4     1 
ATOM   48  C C5     . DC  A 1 2 ? -1.660  -4.274  5.836   1.00 0.37 ? 2 DC  A C5     1 
ATOM   49  C C6     . DC  A 1 2 ? -0.732  -5.174  5.487   1.00 0.39 ? 2 DC  A C6     1 
ATOM   50  H "H5'"  . DC  A 1 2 ? 1.386   -8.464  7.041   1.00 0.78 ? 2 DC  A "H5'"  1 
ATOM   51  H "H5''" . DC  A 1 2 ? -0.295  -8.077  6.619   1.00 0.65 ? 2 DC  A "H5''" 1 
ATOM   52  H "H4'"  . DC  A 1 2 ? 1.091   -9.627  4.574   1.00 0.38 ? 2 DC  A "H4'"  1 
ATOM   53  H "H3'"  . DC  A 1 2 ? 2.897   -7.905  5.567   1.00 0.52 ? 2 DC  A "H3'"  1 
ATOM   54  H "H2'"  . DC  A 1 2 ? 1.695   -5.860  5.384   1.00 0.44 ? 2 DC  A "H2'"  1 
ATOM   55  H "H2''" . DC  A 1 2 ? 2.413   -5.899  3.781   1.00 0.40 ? 2 DC  A "H2''" 1 
ATOM   56  H "H1'"  . DC  A 1 2 ? 0.450   -6.657  2.735   1.00 0.43 ? 2 DC  A "H1'"  1 
ATOM   57  H H41    . DC  A 1 2 ? -4.099  -2.582  4.375   1.00 0.33 ? 2 DC  A H41    1 
ATOM   58  H H42    . DC  A 1 2 ? -3.589  -2.568  6.046   1.00 0.35 ? 2 DC  A H42    1 
ATOM   59  H H5     . DC  A 1 2 ? -1.744  -3.917  6.862   1.00 0.38 ? 2 DC  A H5     1 
ATOM   60  H H6     . DC  A 1 2 ? -0.047  -5.556  6.244   1.00 0.41 ? 2 DC  A H6     1 
ATOM   61  P P      . DG  A 1 3 ? 4.412   -7.917  3.233   1.00 0.76 ? 3 DG  A P      1 
ATOM   62  O OP1    . DG  A 1 3 ? 5.224   -9.141  3.010   1.00 1.57 ? 3 DG  A OP1    1 
ATOM   63  O OP2    . DG  A 1 3 ? 4.829   -6.941  4.272   1.00 1.33 ? 3 DG  A OP2    1 
ATOM   64  O "O5'"  . DG  A 1 3 ? 4.291   -7.138  1.848   1.00 0.44 ? 3 DG  A "O5'"  1 
ATOM   65  C "C5'"  . DG  A 1 3 ? 4.007   -7.838  0.635   1.00 0.34 ? 3 DG  A "C5'"  1 
ATOM   66  C "C4'"  . DG  A 1 3 ? 3.824   -6.862  -0.504  1.00 0.30 ? 3 DG  A "C4'"  1 
ATOM   67  O "O4'"  . DG  A 1 3 ? 2.779   -5.916  -0.160  1.00 0.30 ? 3 DG  A "O4'"  1 
ATOM   68  C "C3'"  . DG  A 1 3 ? 5.054   -6.014  -0.826  1.00 0.27 ? 3 DG  A "C3'"  1 
ATOM   69  O "O3'"  . DG  A 1 3 ? 5.116   -5.747  -2.231  1.00 0.30 ? 3 DG  A "O3'"  1 
ATOM   70  C "C2'"  . DG  A 1 3 ? 4.800   -4.739  -0.048  1.00 0.25 ? 3 DG  A "C2'"  1 
ATOM   71  C "C1'"  . DG  A 1 3 ? 3.297   -4.595  -0.201  1.00 0.26 ? 3 DG  A "C1'"  1 
ATOM   72  N N9     . DG  A 1 3 ? 2.630   -3.824  0.843   1.00 0.24 ? 3 DG  A N9     1 
ATOM   73  C C8     . DG  A 1 3 ? 2.974   -3.745  2.170   1.00 0.25 ? 3 DG  A C8     1 
ATOM   74  N N7     . DG  A 1 3 ? 2.160   -3.002  2.870   1.00 0.24 ? 3 DG  A N7     1 
ATOM   75  C C5     . DG  A 1 3 ? 1.228   -2.551  1.943   1.00 0.22 ? 3 DG  A C5     1 
ATOM   76  C C6     . DG  A 1 3 ? 0.097   -1.706  2.107   1.00 0.21 ? 3 DG  A C6     1 
ATOM   77  O O6     . DG  A 1 3 ? -0.323  -1.172  3.140   1.00 0.22 ? 3 DG  A O6     1 
ATOM   78  N N1     . DG  A 1 3 ? -0.570  -1.505  0.903   1.00 0.20 ? 3 DG  A N1     1 
ATOM   79  C C2     . DG  A 1 3 ? -0.196  -2.041  -0.304  1.00 0.20 ? 3 DG  A C2     1 
ATOM   80  N N2     . DG  A 1 3 ? -0.958  -1.727  -1.357  1.00 0.19 ? 3 DG  A N2     1 
ATOM   81  N N3     . DG  A 1 3 ? 0.851   -2.830  -0.470  1.00 0.21 ? 3 DG  A N3     1 
ATOM   82  C C4     . DG  A 1 3 ? 1.512   -3.042  0.686   1.00 0.22 ? 3 DG  A C4     1 
ATOM   83  H "H5'"  . DG  A 1 3 ? 3.095   -8.423  0.753   1.00 0.46 ? 3 DG  A "H5'"  1 
ATOM   84  H "H5''" . DG  A 1 3 ? 4.833   -8.507  0.399   1.00 0.44 ? 3 DG  A "H5''" 1 
ATOM   85  H "H4'"  . DG  A 1 3 ? 3.600   -7.441  -1.401  1.00 0.32 ? 3 DG  A "H4'"  1 
ATOM   86  H "H3'"  . DG  A 1 3 ? 5.971   -6.511  -0.511  1.00 0.28 ? 3 DG  A "H3'"  1 
ATOM   87  H "H2'"  . DG  A 1 3 ? 5.100   -4.847  0.994   1.00 0.24 ? 3 DG  A "H2'"  1 
ATOM   88  H "H2''" . DG  A 1 3 ? 5.357   -3.900  -0.465  1.00 0.28 ? 3 DG  A "H2''" 1 
ATOM   89  H "H1'"  . DG  A 1 3 ? 3.042   -4.164  -1.172  1.00 0.32 ? 3 DG  A "H1'"  1 
ATOM   90  H H8     . DG  A 1 3 ? 3.837   -4.238  2.591   1.00 0.27 ? 3 DG  A H8     1 
ATOM   91  H H1     . DG  A 1 3 ? -1.391  -0.918  0.923   1.00 0.20 ? 3 DG  A H1     1 
ATOM   92  H H21    . DG  A 1 3 ? -1.763  -1.123  -1.248  1.00 0.19 ? 3 DG  A H21    1 
ATOM   93  H H22    . DG  A 1 3 ? -0.723  -2.096  -2.268  1.00 0.20 ? 3 DG  A H22    1 
ATOM   94  P P      . DC  A 1 4 ? 6.533   -5.451  -2.928  1.00 0.34 ? 4 DC  A P      1 
ATOM   95  O OP1    . DC  A 1 4 ? 7.253   -6.741  -3.076  1.00 0.36 ? 4 DC  A OP1    1 
ATOM   96  O OP2    . DC  A 1 4 ? 7.171   -4.335  -2.186  1.00 0.39 ? 4 DC  A OP2    1 
ATOM   97  O "O5'"  . DC  A 1 4 ? 6.148   -4.923  -4.382  1.00 0.38 ? 4 DC  A "O5'"  1 
ATOM   98  C "C5'"  . DC  A 1 4 ? 4.782   -4.778  -4.779  1.00 0.38 ? 4 DC  A "C5'"  1 
ATOM   99  C "C4'"  . DC  A 1 4 ? 4.435   -3.315  -4.934  1.00 0.39 ? 4 DC  A "C4'"  1 
ATOM   100 O "O4'"  . DC  A 1 4 ? 3.856   -2.838  -3.704  1.00 0.30 ? 4 DC  A "O4'"  1 
ATOM   101 C "C3'"  . DC  A 1 4 ? 5.621   -2.392  -5.206  1.00 0.45 ? 4 DC  A "C3'"  1 
ATOM   102 O "O3'"  . DC  A 1 4 ? 5.729   -2.153  -6.614  1.00 0.70 ? 4 DC  A "O3'"  1 
ATOM   103 C "C2'"  . DC  A 1 4 ? 5.275   -1.108  -4.461  1.00 0.32 ? 4 DC  A "C2'"  1 
ATOM   104 C "C1'"  . DC  A 1 4 ? 4.047   -1.439  -3.618  1.00 0.28 ? 4 DC  A "C1'"  1 
ATOM   105 N N1     . DC  A 1 4 ? 4.156   -1.095  -2.190  1.00 0.22 ? 4 DC  A N1     1 
ATOM   106 C C2     . DC  A 1 4 ? 3.118   -0.375  -1.592  1.00 0.18 ? 4 DC  A C2     1 
ATOM   107 O O2     . DC  A 1 4 ? 2.147   -0.041  -2.284  1.00 0.19 ? 4 DC  A O2     1 
ATOM   108 N N3     . DC  A 1 4 ? 3.200   -0.063  -0.280  1.00 0.17 ? 4 DC  A N3     1 
ATOM   109 C C4     . DC  A 1 4 ? 4.263   -0.443  0.432   1.00 0.18 ? 4 DC  A C4     1 
ATOM   110 N N4     . DC  A 1 4 ? 4.294   -0.119  1.724   1.00 0.20 ? 4 DC  A N4     1 
ATOM   111 C C5     . DC  A 1 4 ? 5.338   -1.173  -0.153  1.00 0.21 ? 4 DC  A C5     1 
ATOM   112 C C6     . DC  A 1 4 ? 5.245   -1.474  -1.455  1.00 0.24 ? 4 DC  A C6     1 
ATOM   113 H "H5'"  . DC  A 1 4 ? 4.131   -5.221  -4.024  1.00 0.35 ? 4 DC  A "H5'"  1 
ATOM   114 H "H5''" . DC  A 1 4 ? 4.621   -5.285  -5.731  1.00 0.43 ? 4 DC  A "H5''" 1 
ATOM   115 H "H4'"  . DC  A 1 4 ? 3.763   -3.224  -5.789  1.00 0.50 ? 4 DC  A "H4'"  1 
ATOM   116 H "H3'"  . DC  A 1 4 ? 6.550   -2.834  -4.847  1.00 0.52 ? 4 DC  A "H3'"  1 
ATOM   117 H "H2'"  . DC  A 1 4 ? 6.111   -0.764  -3.853  1.00 0.34 ? 4 DC  A "H2'"  1 
ATOM   118 H "H2''" . DC  A 1 4 ? 5.017   -0.306  -5.152  1.00 0.34 ? 4 DC  A "H2''" 1 
ATOM   119 H "H1'"  . DC  A 1 4 ? 3.158   -0.953  -4.023  1.00 0.31 ? 4 DC  A "H1'"  1 
ATOM   120 H H41    . DC  A 1 4 ? 3.522   0.388   2.134   1.00 0.21 ? 4 DC  A H41    1 
ATOM   121 H H42    . DC  A 1 4 ? 5.081   -0.389  2.297   1.00 0.21 ? 4 DC  A H42    1 
ATOM   122 H H5     . DC  A 1 4 ? 6.205   -1.473  0.437   1.00 0.23 ? 4 DC  A H5     1 
ATOM   123 H H6     . DC  A 1 4 ? 6.051   -2.030  -1.934  1.00 0.29 ? 4 DC  A H6     1 
ATOM   124 P P      . DG  A 1 5 ? 6.944   -1.268  -7.187  1.00 0.42 ? 5 DG  A P      1 
ATOM   125 O OP1    . DG  A 1 5 ? 7.358   -1.841  -8.493  1.00 0.84 ? 5 DG  A OP1    1 
ATOM   126 O OP2    . DG  A 1 5 ? 7.948   -1.111  -6.104  1.00 0.85 ? 5 DG  A OP2    1 
ATOM   127 O "O5'"  . DG  A 1 5 ? 6.281   0.156   -7.455  1.00 0.81 ? 5 DG  A "O5'"  1 
ATOM   128 C "C5'"  . DG  A 1 5 ? 4.946   0.264   -7.955  1.00 0.55 ? 5 DG  A "C5'"  1 
ATOM   129 C "C4'"  . DG  A 1 5 ? 4.350   1.597   -7.568  1.00 0.50 ? 5 DG  A "C4'"  1 
ATOM   130 O "O4'"  . DG  A 1 5 ? 4.255   1.670   -6.122  1.00 0.44 ? 5 DG  A "O4'"  1 
ATOM   131 C "C3'"  . DG  A 1 5 ? 5.170   2.817   -7.999  1.00 0.61 ? 5 DG  A "C3'"  1 
ATOM   132 O "O3'"  . DG  A 1 5 ? 4.301   3.860   -8.456  1.00 0.88 ? 5 DG  A "O3'"  1 
ATOM   133 C "C2'"  . DG  A 1 5 ? 5.881   3.226   -6.722  1.00 0.46 ? 5 DG  A "C2'"  1 
ATOM   134 C "C1'"  . DG  A 1 5 ? 4.843   2.877   -5.677  1.00 0.41 ? 5 DG  A "C1'"  1 
ATOM   135 N N9     . DG  A 1 5 ? 5.379   2.659   -4.338  1.00 0.36 ? 5 DG  A N9     1 
ATOM   136 C C8     . DG  A 1 5 ? 6.551   2.025   -4.013  1.00 0.36 ? 5 DG  A C8     1 
ATOM   137 N N7     . DG  A 1 5 ? 6.769   1.971   -2.728  1.00 0.35 ? 5 DG  A N7     1 
ATOM   138 C C5     . DG  A 1 5 ? 5.674   2.618   -2.168  1.00 0.32 ? 5 DG  A C5     1 
ATOM   139 C C6     . DG  A 1 5 ? 5.356   2.881   -0.811  1.00 0.30 ? 5 DG  A C6     1 
ATOM   140 O O6     . DG  A 1 5 ? 5.996   2.585   0.204   1.00 0.31 ? 5 DG  A O6     1 
ATOM   141 N N1     . DG  A 1 5 ? 4.153   3.569   -0.692  1.00 0.29 ? 5 DG  A N1     1 
ATOM   142 C C2     . DG  A 1 5 ? 3.359   3.957   -1.742  1.00 0.31 ? 5 DG  A C2     1 
ATOM   143 N N2     . DG  A 1 5 ? 2.241   4.619   -1.422  1.00 0.33 ? 5 DG  A N2     1 
ATOM   144 N N3     . DG  A 1 5 ? 3.644   3.718   -3.012  1.00 0.34 ? 5 DG  A N3     1 
ATOM   145 C C4     . DG  A 1 5 ? 4.808   3.050   -3.151  1.00 0.33 ? 5 DG  A C4     1 
ATOM   146 H "H5'"  . DG  A 1 5 ? 4.333   -0.537  -7.538  1.00 0.54 ? 5 DG  A "H5'"  1 
ATOM   147 H "H5''" . DG  A 1 5 ? 4.954   0.177   -9.042  1.00 0.70 ? 5 DG  A "H5''" 1 
ATOM   148 H "H4'"  . DG  A 1 5 ? 3.382   1.679   -8.067  1.00 0.55 ? 5 DG  A "H4'"  1 
ATOM   149 H "H3'"  . DG  A 1 5 ? 5.871   2.558   -8.792  1.00 0.77 ? 5 DG  A "H3'"  1 
ATOM   150 H "H2'"  . DG  A 1 5 ? 6.806   2.663   -6.589  1.00 0.47 ? 5 DG  A "H2'"  1 
ATOM   151 H "H2''" . DG  A 1 5 ? 6.142   4.281   -6.729  1.00 0.48 ? 5 DG  A "H2''" 1 
ATOM   152 H "H1'"  . DG  A 1 5 ? 4.062   3.636   -5.626  1.00 0.42 ? 5 DG  A "H1'"  1 
ATOM   153 H H8     . DG  A 1 5 ? 7.234   1.628   -4.750  1.00 0.39 ? 5 DG  A H8     1 
ATOM   154 H H1     . DG  A 1 5 ? 3.839   3.798   0.242   1.00 0.28 ? 5 DG  A H1     1 
ATOM   155 H H21    . DG  A 1 5 ? 2.020   4.813   -0.455  1.00 0.32 ? 5 DG  A H21    1 
ATOM   156 H H22    . DG  A 1 5 ? 1.620   4.933   -2.155  1.00 0.37 ? 5 DG  A H22    1 
HETATM 157 P P      . 2AU A 1 6 ? 4.861   4.992   -9.451  1.00 0.65 ? 6 2AU A P      1 
HETATM 158 O OP1    . 2AU A 1 6 ? 3.715   5.441   -10.280 1.00 1.35 ? 6 2AU A OP1    1 
HETATM 159 O "O5'"  . 2AU A 1 6 ? 5.275   6.185   -8.478  1.00 0.51 ? 6 2AU A "O5'"  1 
HETATM 160 C "C5'"  . 2AU A 1 6 ? 4.910   7.535   -8.764  1.00 0.42 ? 6 2AU A "C5'"  1 
HETATM 161 C "C4'"  . 2AU A 1 6 ? 4.563   8.263   -7.484  1.00 0.38 ? 6 2AU A "C4'"  1 
HETATM 162 O "O4'"  . 2AU A 1 6 ? 3.222   7.868   -7.074  1.00 0.34 ? 6 2AU A "O4'"  1 
HETATM 163 C "C3'"  . 2AU A 1 6 ? 5.461   7.943   -6.294  1.00 0.38 ? 6 2AU A "C3'"  1 
HETATM 164 O "O3'"  . 2AU A 1 6 ? 5.616   9.062   -5.414  1.00 0.43 ? 6 2AU A "O3'"  1 
HETATM 165 C "C2'"  . 2AU A 1 6 ? 4.738   6.778   -5.627  1.00 0.30 ? 6 2AU A "C2'"  1 
HETATM 166 C "C1'"  . 2AU A 1 6 ? 3.280   7.178   -5.840  1.00 0.31 ? 6 2AU A "C1'"  1 
HETATM 167 N N1     . 2AU A 1 6 ? 2.351   6.040   -5.900  1.00 0.38 ? 6 2AU A N1     1 
HETATM 168 C C2     . 2AU A 1 6 ? 1.723   5.656   -4.728  1.00 0.50 ? 6 2AU A C2     1 
HETATM 169 O O2     . 2AU A 1 6 ? 1.906   6.217   -3.662  1.00 0.52 ? 6 2AU A O2     1 
HETATM 170 N N3     . 2AU A 1 6 ? 0.869   4.590   -4.851  1.00 0.64 ? 6 2AU A N3     1 
HETATM 171 C C4     . 2AU A 1 6 ? 0.583   3.884   -5.999  1.00 0.69 ? 6 2AU A C4     1 
HETATM 172 O O4     . 2AU A 1 6 ? -0.222  2.955   -5.951  1.00 0.85 ? 6 2AU A O4     1 
HETATM 173 C C5     . 2AU A 1 6 ? 1.272   4.339   -7.165  1.00 0.58 ? 6 2AU A C5     1 
HETATM 174 C C6     . 2AU A 1 6 ? 2.112   5.376   -7.082  1.00 0.44 ? 6 2AU A C6     1 
HETATM 175 N "N2'"  . 2AU A 1 6 ? 5.023   6.739   -4.202  1.00 0.27 ? 6 2AU A "N2'"  1 
HETATM 176 H "H5'"  . 2AU A 1 6 ? 4.048   7.554   -9.432  1.00 0.40 ? 6 2AU A "H5'"  1 
HETATM 177 H "H5''" . 2AU A 1 6 ? 5.742   8.047   -9.246  1.00 0.52 ? 6 2AU A "H5''" 1 
HETATM 178 H "H4'"  . 2AU A 1 6 ? 4.662   9.332   -7.675  1.00 0.46 ? 6 2AU A "H4'"  1 
HETATM 179 H "H3'"  . 2AU A 1 6 ? 6.466   7.676   -6.616  1.00 0.45 ? 6 2AU A "H3'"  1 
HETATM 180 H "HO3'" . 2AU A 1 6 ? 4.929   8.994   -4.747  1.00 0.50 ? 6 2AU A "HO3'" 1 
HETATM 181 H "H2'"  . 2AU A 1 6 ? 4.974   5.839   -6.130  1.00 0.35 ? 6 2AU A "H2'"  1 
HETATM 182 H "H1'"  . 2AU A 1 6 ? 2.925   7.867   -5.073  1.00 0.37 ? 6 2AU A "H1'"  1 
HETATM 183 H H3     . 2AU A 1 6 ? 0.400   4.284   -4.014  1.00 0.76 ? 6 2AU A H3     1 
HETATM 184 H H5     . 2AU A 1 6 ? 1.113   3.842   -8.121  1.00 0.65 ? 6 2AU A H5     1 
HETATM 185 O OP2    . 2AU A 1 6 ? 6.087   4.488   -10.116 1.00 1.16 ? 6 2AU A OP2    1 
HETATM 186 H H6     . 2AU A 1 6 ? 2.625   5.707   -7.985  1.00 0.44 ? 6 2AU A H6     1 
HETATM 187 H HA1    . 2AU A 1 6 ? 4.298   7.169   -3.490  1.00 0.25 ? 6 2AU A HA1    1 
ATOM   188 O "O5'"  . DA  B 1 1 ? 6.857   14.727  4.277   1.00 1.82 ? 1 DA  B "O5'"  1 
ATOM   189 C "C5'"  . DA  B 1 1 ? 6.818   13.800  3.186   1.00 1.07 ? 1 DA  B "C5'"  1 
ATOM   190 C "C4'"  . DA  B 1 1 ? 5.559   12.967  3.228   1.00 0.81 ? 1 DA  B "C4'"  1 
ATOM   191 O "O4'"  . DA  B 1 1 ? 5.200   12.601  1.872   1.00 0.68 ? 1 DA  B "O4'"  1 
ATOM   192 C "C3'"  . DA  B 1 1 ? 5.679   11.652  3.999   1.00 0.59 ? 1 DA  B "C3'"  1 
ATOM   193 O "O3'"  . DA  B 1 1 ? 4.456   11.368  4.692   1.00 0.65 ? 1 DA  B "O3'"  1 
ATOM   194 C "C2'"  . DA  B 1 1 ? 5.919   10.629  2.904   1.00 0.43 ? 1 DA  B "C2'"  1 
ATOM   195 C "C1'"  . DA  B 1 1 ? 5.084   11.192  1.772   1.00 0.46 ? 1 DA  B "C1'"  1 
ATOM   196 N N9     . DA  B 1 1 ? 5.510   10.799  0.427   1.00 0.41 ? 1 DA  B N9     1 
ATOM   197 C C8     . DA  B 1 1 ? 4.834   11.002  -0.750  1.00 0.47 ? 1 DA  B C8     1 
ATOM   198 N N7     . DA  B 1 1 ? 5.456   10.536  -1.805  1.00 0.43 ? 1 DA  B N7     1 
ATOM   199 C C5     . DA  B 1 1 ? 6.623   9.991   -1.289  1.00 0.34 ? 1 DA  B C5     1 
ATOM   200 C C6     . DA  B 1 1 ? 7.709   9.338   -1.896  1.00 0.30 ? 1 DA  B C6     1 
ATOM   201 N N6     . DA  B 1 1 ? 7.799   9.109   -3.208  1.00 0.35 ? 1 DA  B N6     1 
ATOM   202 N N1     . DA  B 1 1 ? 8.715   8.917   -1.098  1.00 0.29 ? 1 DA  B N1     1 
ATOM   203 C C2     . DA  B 1 1 ? 8.624   9.141   0.218   1.00 0.28 ? 1 DA  B C2     1 
ATOM   204 N N3     . DA  B 1 1 ? 7.654   9.740   0.906   1.00 0.29 ? 1 DA  B N3     1 
ATOM   205 C C4     . DA  B 1 1 ? 6.671   10.147  0.084   1.00 0.32 ? 1 DA  B C4     1 
ATOM   206 H "H5'"  . DA  B 1 1 ? 7.684   13.140  3.240   1.00 0.94 ? 1 DA  B "H5'"  1 
ATOM   207 H "H5''" . DA  B 1 1 ? 6.849   14.347  2.243   1.00 1.32 ? 1 DA  B "H5''" 1 
ATOM   208 H "H4'"  . DA  B 1 1 ? 4.790   13.557  3.731   1.00 1.04 ? 1 DA  B "H4'"  1 
ATOM   209 H "H3'"  . DA  B 1 1 ? 6.499   11.686  4.714   1.00 0.77 ? 1 DA  B "H3'"  1 
ATOM   210 H "H2'"  . DA  B 1 1 ? 6.976   10.564  2.646   1.00 0.61 ? 1 DA  B "H2'"  1 
ATOM   211 H "H2''" . DA  B 1 1 ? 5.594   9.636   3.209   1.00 0.51 ? 1 DA  B "H2''" 1 
ATOM   212 H "H1'"  . DA  B 1 1 ? 4.031   10.930  1.894   1.00 0.56 ? 1 DA  B "H1'"  1 
ATOM   213 H H8     . DA  B 1 1 ? 3.876   11.499  -0.803  1.00 0.56 ? 1 DA  B H8     1 
ATOM   214 H H61    . DA  B 1 1 ? 8.610   8.632   -3.574  1.00 0.37 ? 1 DA  B H61    1 
ATOM   215 H H62    . DA  B 1 1 ? 7.063   9.407   -3.832  1.00 0.39 ? 1 DA  B H62    1 
ATOM   216 H H2     . DA  B 1 1 ? 9.465   8.783   0.812   1.00 0.31 ? 1 DA  B H2     1 
ATOM   217 H "HO5'" . DA  B 1 1 ? 6.314   15.481  4.034   1.00 1.98 ? 1 DA  B "HO5'" 1 
ATOM   218 P P      . DC  B 1 2 ? 4.451   10.315  5.908   1.00 0.76 ? 2 DC  B P      1 
ATOM   219 O OP1    . DC  B 1 2 ? 4.917   11.014  7.130   1.00 1.75 ? 2 DC  B OP1    1 
ATOM   220 O OP2    . DC  B 1 2 ? 5.168   9.098   5.447   1.00 1.59 ? 2 DC  B OP2    1 
ATOM   221 O "O5'"  . DC  B 1 2 ? 2.908   9.958   6.097   1.00 0.66 ? 2 DC  B "O5'"  1 
ATOM   222 C "C5'"  . DC  B 1 2 ? 2.439   8.609   6.004   1.00 0.46 ? 2 DC  B "C5'"  1 
ATOM   223 C "C4'"  . DC  B 1 2 ? 1.419   8.489   4.896   1.00 0.39 ? 2 DC  B "C4'"  1 
ATOM   224 O "O4'"  . DC  B 1 2 ? 2.015   7.769   3.791   1.00 0.48 ? 2 DC  B "O4'"  1 
ATOM   225 C "C3'"  . DC  B 1 2 ? 0.152   7.716   5.258   1.00 0.44 ? 2 DC  B "C3'"  1 
ATOM   226 O "O3'"  . DC  B 1 2 ? -0.975  8.240   4.544   1.00 0.46 ? 2 DC  B "O3'"  1 
ATOM   227 C "C2'"  . DC  B 1 2 ? 0.466   6.300   4.809   1.00 0.42 ? 2 DC  B "C2'"  1 
ATOM   228 C "C1'"  . DC  B 1 2 ? 1.392   6.504   3.617   1.00 0.42 ? 2 DC  B "C1'"  1 
ATOM   229 N N1     . DC  B 1 2 ? 2.458   5.496   3.483   1.00 0.39 ? 2 DC  B N1     1 
ATOM   230 C C2     . DC  B 1 2 ? 2.772   5.009   2.209   1.00 0.37 ? 2 DC  B C2     1 
ATOM   231 O O2     . DC  B 1 2 ? 2.128   5.416   1.233   1.00 0.38 ? 2 DC  B O2     1 
ATOM   232 N N3     . DC  B 1 2 ? 3.769   4.106   2.075   1.00 0.36 ? 2 DC  B N3     1 
ATOM   233 C C4     . DC  B 1 2 ? 4.436   3.684   3.152   1.00 0.36 ? 2 DC  B C4     1 
ATOM   234 N N4     . DC  B 1 2 ? 5.416   2.797   2.969   1.00 0.35 ? 2 DC  B N4     1 
ATOM   235 C C5     . DC  B 1 2 ? 4.131   4.153   4.461   1.00 0.38 ? 2 DC  B C5     1 
ATOM   236 C C6     . DC  B 1 2 ? 3.144   5.051   4.579   1.00 0.39 ? 2 DC  B C6     1 
ATOM   237 H "H5'"  . DC  B 1 2 ? 1.977   8.318   6.947   1.00 0.77 ? 2 DC  B "H5'"  1 
ATOM   238 H "H5''" . DC  B 1 2 ? 3.273   7.940   5.794   1.00 0.64 ? 2 DC  B "H5''" 1 
ATOM   239 H "H4'"  . DC  B 1 2 ? 1.102   9.499   4.629   1.00 0.38 ? 2 DC  B "H4'"  1 
ATOM   240 H "H3'"  . DC  B 1 2 ? -0.046  7.768   6.330   1.00 0.52 ? 2 DC  B "H3'"  1 
ATOM   241 H "H2'"  . DC  B 1 2 ? 0.938   5.726   5.605   1.00 0.44 ? 2 DC  B "H2'"  1 
ATOM   242 H "H2''" . DC  B 1 2 ? -0.436  5.770   4.511   1.00 0.40 ? 2 DC  B "H2''" 1 
ATOM   243 H "H1'"  . DC  B 1 2 ? 0.826   6.534   2.684   1.00 0.43 ? 2 DC  B "H1'"  1 
ATOM   244 H H41    . DC  B 1 2 ? 5.627   2.469   2.039   1.00 0.34 ? 2 DC  B H41    1 
ATOM   245 H H42    . DC  B 1 2 ? 5.945   2.454   3.758   1.00 0.36 ? 2 DC  B H42    1 
ATOM   246 H H5     . DC  B 1 2 ? 4.678   3.797   5.334   1.00 0.39 ? 2 DC  B H5     1 
ATOM   247 H H6     . DC  B 1 2 ? 2.884   5.431   5.569   1.00 0.42 ? 2 DC  B H6     1 
ATOM   248 P P      . DG  B 1 3 ? -2.465  7.791   4.956   1.00 0.77 ? 3 DG  B P      1 
ATOM   249 O OP1    . DG  B 1 3 ? -3.283  9.016   5.139   1.00 1.57 ? 3 DG  B OP1    1 
ATOM   250 O OP2    . DG  B 1 3 ? -2.359  6.808   6.064   1.00 1.33 ? 3 DG  B OP2    1 
ATOM   251 O "O5'"  . DG  B 1 3 ? -2.998  7.021   3.667   1.00 0.44 ? 3 DG  B "O5'"  1 
ATOM   252 C "C5'"  . DG  B 1 3 ? -3.301  7.727   2.462   1.00 0.34 ? 3 DG  B "C5'"  1 
ATOM   253 C "C4'"  . DG  B 1 3 ? -3.663  6.759   1.360   1.00 0.29 ? 3 DG  B "C4'"  1 
ATOM   254 O "O4'"  . DG  B 1 3 ? -2.579  5.815   1.180   1.00 0.30 ? 3 DG  B "O4'"  1 
ATOM   255 C "C3'"  . DG  B 1 3 ? -4.905  5.913   1.635   1.00 0.27 ? 3 DG  B "C3'"  1 
ATOM   256 O "O3'"  . DG  B 1 3 ? -5.606  5.656   0.413   1.00 0.30 ? 3 DG  B "O3'"  1 
ATOM   257 C "C2'"  . DG  B 1 3 ? -4.323  4.631   2.200   1.00 0.25 ? 3 DG  B "C2'"  1 
ATOM   258 C "C1'"  . DG  B 1 3 ? -3.060  4.493   1.372   1.00 0.26 ? 3 DG  B "C1'"  1 
ATOM   259 N N9     . DG  B 1 3 ? -1.990  3.713   1.987   1.00 0.24 ? 3 DG  B N9     1 
ATOM   260 C C8     . DG  B 1 3 ? -1.682  3.625   3.321   1.00 0.25 ? 3 DG  B C8     1 
ATOM   261 N N7     . DG  B 1 3 ? -0.641  2.877   3.562   1.00 0.24 ? 3 DG  B N7     1 
ATOM   262 C C5     . DG  B 1 3 ? -0.243  2.433   2.307   1.00 0.22 ? 3 DG  B C5     1 
ATOM   263 C C6     . DG  B 1 3 ? 0.832   1.585   1.926   1.00 0.21 ? 3 DG  B C6     1 
ATOM   264 O O6     . DG  B 1 3 ? 1.681   1.043   2.645   1.00 0.22 ? 3 DG  B O6     1 
ATOM   265 N N1     . DG  B 1 3 ? 0.866   1.392   0.548   1.00 0.20 ? 3 DG  B N1     1 
ATOM   266 C C2     . DG  B 1 3 ? -0.019  1.939   -0.346  1.00 0.20 ? 3 DG  B C2     1 
ATOM   267 N N2     . DG  B 1 3 ? 0.171   1.631   -1.635  1.00 0.19 ? 3 DG  B N2     1 
ATOM   268 N N3     . DG  B 1 3 ? -1.022  2.727   -0.005  1.00 0.21 ? 3 DG  B N3     1 
ATOM   269 C C4     . DG  B 1 3 ? -1.073  2.933   1.326   1.00 0.22 ? 3 DG  B C4     1 
ATOM   270 H "H5'"  . DG  B 1 3 ? -2.435  8.314   2.153   1.00 0.45 ? 3 DG  B "H5'"  1 
ATOM   271 H "H5''" . DG  B 1 3 ? -4.142  8.399   2.636   1.00 0.44 ? 3 DG  B "H5''" 1 
ATOM   272 H "H4'"  . DG  B 1 3 ? -3.876  7.346   0.465   1.00 0.32 ? 3 DG  B "H4'"  1 
ATOM   273 H "H3'"  . DG  B 1 3 ? -5.574  6.407   2.340   1.00 0.29 ? 3 DG  B "H3'"  1 
ATOM   274 H "H2'"  . DG  B 1 3 ? -4.111  4.733   3.265   1.00 0.25 ? 3 DG  B "H2'"  1 
ATOM   275 H "H2''" . DG  B 1 3 ? -5.012  3.797   2.081   1.00 0.29 ? 3 DG  B "H2''" 1 
ATOM   276 H "H1'"  . DG  B 1 3 ? -3.282  4.069   0.390   1.00 0.32 ? 3 DG  B "H1'"  1 
ATOM   277 H H8     . DG  B 1 3 ? -2.253  4.117   4.095   1.00 0.27 ? 3 DG  B H8     1 
ATOM   278 H H1     . DG  B 1 3 ? 1.602   0.802   0.182   1.00 0.20 ? 3 DG  B H1     1 
ATOM   279 H H21    . DG  B 1 3 ? 0.933   1.025   -1.912  1.00 0.19 ? 3 DG  B H21    1 
ATOM   280 H H22    . DG  B 1 3 ? -0.455  2.006   -2.332  1.00 0.20 ? 3 DG  B H22    1 
ATOM   281 P P      . DC  B 1 4 ? -7.186  5.360   0.445   1.00 0.35 ? 4 DC  B P      1 
ATOM   282 O OP1    . DC  B 1 4 ? -7.893  6.648   0.651   1.00 0.36 ? 4 DC  B OP1    1 
ATOM   283 O OP2    . DC  B 1 4 ? -7.413  4.237   1.390   1.00 0.40 ? 4 DC  B OP2    1 
ATOM   284 O "O5'"  . DC  B 1 4 ? -7.513  4.842   -1.027  1.00 0.38 ? 4 DC  B "O5'"  1 
ATOM   285 C "C5'"  . DC  B 1 4 ? -6.482  4.699   -2.008  1.00 0.39 ? 4 DC  B "C5'"  1 
ATOM   286 C "C4'"  . DC  B 1 4 ? -6.248  3.238   -2.314  1.00 0.40 ? 4 DC  B "C4'"  1 
ATOM   287 O "O4'"  . DC  B 1 4 ? -5.169  2.755   -1.490  1.00 0.32 ? 4 DC  B "O4'"  1 
ATOM   288 C "C3'"  . DC  B 1 4 ? -7.428  2.316   -2.015  1.00 0.44 ? 4 DC  B "C3'"  1 
ATOM   289 O "O3'"  . DC  B 1 4 ? -8.172  2.084   -3.217  1.00 0.67 ? 4 DC  B "O3'"  1 
ATOM   290 C "C2'"  . DC  B 1 4 ? -6.781  1.028   -1.520  1.00 0.33 ? 4 DC  B "C2'"  1 
ATOM   291 C "C1'"  . DC  B 1 4 ? -5.302  1.355   -1.335  1.00 0.29 ? 4 DC  B "C1'"  1 
ATOM   292 N N1     . DC  B 1 4 ? -4.744  1.001   -0.018  1.00 0.23 ? 4 DC  B N1     1 
ATOM   293 C C2     . DC  B 1 4 ? -3.549  0.279   0.032   1.00 0.19 ? 4 DC  B C2     1 
ATOM   294 O O2     . DC  B 1 4 ? -3.005  -0.050  -1.030  1.00 0.20 ? 4 DC  B O2     1 
ATOM   295 N N3     . DC  B 1 4 ? -3.017  -0.041  1.233   1.00 0.18 ? 4 DC  B N3     1 
ATOM   296 C C4     . DC  B 1 4 ? -3.634  0.335   2.355   1.00 0.18 ? 4 DC  B C4     1 
ATOM   297 N N4     . DC  B 1 4 ? -3.069  0.002   3.517   1.00 0.20 ? 4 DC  B N4     1 
ATOM   298 C C5     . DC  B 1 4 ? -4.857  1.067   2.335   1.00 0.22 ? 4 DC  B C5     1 
ATOM   299 C C6     . DC  B 1 4 ? -5.371  1.376   1.137   1.00 0.25 ? 4 DC  B C6     1 
ATOM   300 H "H5'"  . DC  B 1 4 ? -5.557  5.138   -1.634  1.00 0.36 ? 4 DC  B "H5'"  1 
ATOM   301 H "H5''" . DC  B 1 4 ? -6.776  5.213   -2.923  1.00 0.44 ? 4 DC  B "H5''" 1 
ATOM   302 H "H4'"  . DC  B 1 4 ? -6.044  3.153   -3.383  1.00 0.50 ? 4 DC  B "H4'"  1 
ATOM   303 H "H3'"  . DC  B 1 4 ? -8.088  2.753   -1.266  1.00 0.51 ? 4 DC  B "H3'"  1 
ATOM   304 H "H2'"  . DC  B 1 4 ? -7.246  0.677   -0.599  1.00 0.34 ? 4 DC  B "H2'"  1 
ATOM   305 H "H2''" . DC  B 1 4 ? -6.870  0.230   -2.257  1.00 0.34 ? 4 DC  B "H2''" 1 
ATOM   306 H "H1'"  . DC  B 1 4 ? -4.699  0.871   -2.105  1.00 0.33 ? 4 DC  B "H1'"  1 
ATOM   307 H H41    . DC  B 1 4 ? -2.195  -0.506  3.521   1.00 0.21 ? 4 DC  B H41    1 
ATOM   308 H H42    . DC  B 1 4 ? -3.504  0.268   4.389   1.00 0.22 ? 4 DC  B H42    1 
ATOM   309 H H5     . DC  B 1 4 ? -5.353  1.362   3.259   1.00 0.24 ? 4 DC  B H5     1 
ATOM   310 H H6     . DC  B 1 4 ? -6.305  1.935   1.086   1.00 0.30 ? 4 DC  B H6     1 
ATOM   311 P P      . DG  B 1 5 ? -9.515  1.200   -3.174  1.00 0.40 ? 5 DG  B P      1 
ATOM   312 O OP1    . DG  B 1 5 ? -10.483 1.780   -4.141  1.00 0.84 ? 5 DG  B OP1    1 
ATOM   313 O OP2    . DG  B 1 5 ? -9.910  1.036   -1.751  1.00 0.81 ? 5 DG  B OP2    1 
ATOM   314 O "O5'"  . DG  B 1 5 ? -9.051  -0.221  -3.724  1.00 0.70 ? 5 DG  B "O5'"  1 
ATOM   315 C "C5'"  . DG  B 1 5 ? -8.096  -0.323  -4.782  1.00 0.54 ? 5 DG  B "C5'"  1 
ATOM   316 C "C4'"  . DG  B 1 5 ? -7.391  -1.657  -4.723  1.00 0.49 ? 5 DG  B "C4'"  1 
ATOM   317 O "O4'"  . DG  B 1 5 ? -6.642  -1.740  -3.481  1.00 0.44 ? 5 DG  B "O4'"  1 
ATOM   318 C "C3'"  . DG  B 1 5 ? -8.318  -2.876  -4.735  1.00 0.52 ? 5 DG  B "C3'"  1 
ATOM   319 O "O3'"  . DG  B 1 5 ? -7.757  -3.916  -5.545  1.00 0.54 ? 5 DG  B "O3'"  1 
ATOM   320 C "C2'"  . DG  B 1 5 ? -8.364  -3.293  -3.277  1.00 0.46 ? 5 DG  B "C2'"  1 
ATOM   321 C "C1'"  . DG  B 1 5 ? -6.963  -2.951  -2.824  1.00 0.42 ? 5 DG  B "C1'"  1 
ATOM   322 N N9     . DG  B 1 5 ? -6.822  -2.741  -1.386  1.00 0.37 ? 5 DG  B N9     1 
ATOM   323 C C8     . DG  B 1 5 ? -7.713  -2.112  -0.555  1.00 0.37 ? 5 DG  B C8     1 
ATOM   324 N N7     . DG  B 1 5 ? -7.316  -2.064  0.686   1.00 0.35 ? 5 DG  B N7     1 
ATOM   325 C C5     . DG  B 1 5 ? -6.087  -2.713  0.676   1.00 0.32 ? 5 DG  B C5     1 
ATOM   326 C C6     . DG  B 1 5 ? -5.179  -2.984  1.734   1.00 0.30 ? 5 DG  B C6     1 
ATOM   327 O O6     . DG  B 1 5 ? -5.283  -2.694  2.931   1.00 0.31 ? 5 DG  B O6     1 
ATOM   328 N N1     . DG  B 1 5 ? -4.058  -3.669  1.283   1.00 0.28 ? 5 DG  B N1     1 
ATOM   329 C C2     . DG  B 1 5 ? -3.838  -4.052  -0.016  1.00 0.30 ? 5 DG  B C2     1 
ATOM   330 N N2     . DG  B 1 5 ? -2.697  -4.715  -0.249  1.00 0.32 ? 5 DG  B N2     1 
ATOM   331 N N3     . DG  B 1 5 ? -4.673  -3.806  -1.012  1.00 0.33 ? 5 DG  B N3     1 
ATOM   332 C C4     . DG  B 1 5 ? -5.770  -3.138  -0.596  1.00 0.33 ? 5 DG  B C4     1 
ATOM   333 H "H5'"  . DG  B 1 5 ? -7.359  0.474   -4.690  1.00 0.56 ? 5 DG  B "H5'"  1 
ATOM   334 H "H5''" . DG  B 1 5 ? -8.603  -0.232  -5.743  1.00 0.65 ? 5 DG  B "H5''" 1 
ATOM   335 H "H4'"  . DG  B 1 5 ? -6.760  -1.736  -5.611  1.00 0.52 ? 5 DG  B "H4'"  1 
ATOM   336 H "H3'"  . DG  B 1 5 ? -9.306  -2.614  -5.116  1.00 0.56 ? 5 DG  B "H3'"  1 
ATOM   337 H "H2'"  . DG  B 1 5 ? -9.124  -2.733  -2.729  1.00 0.45 ? 5 DG  B "H2'"  1 
ATOM   338 H "H2''" . DG  B 1 5 ? -8.601  -4.350  -3.170  1.00 0.48 ? 5 DG  B "H2''" 1 
ATOM   339 H "H1'"  . DG  B 1 5 ? -6.246  -3.709  -3.141  1.00 0.42 ? 5 DG  B "H1'"  1 
ATOM   340 H H8     . DG  B 1 5 ? -8.657  -1.710  -0.894  1.00 0.39 ? 5 DG  B H8     1 
ATOM   341 H H1     . DG  B 1 5 ? -3.351  -3.905  1.967   1.00 0.27 ? 5 DG  B H1     1 
ATOM   342 H H21    . DG  B 1 5 ? -2.057  -4.914  0.507   1.00 0.30 ? 5 DG  B H21    1 
ATOM   343 H H22    . DG  B 1 5 ? -2.485  -5.024  -1.187  1.00 0.36 ? 5 DG  B H22    1 
HETATM 344 P P      . 2AU B 1 6 ? -8.713  -5.045  -6.179  1.00 0.57 ? 6 2AU B P      1 
HETATM 345 O OP1    . 2AU B 1 6 ? -8.101  -5.493  -7.453  1.00 0.61 ? 6 2AU B OP1    1 
HETATM 346 O "O5'"  . 2AU B 1 6 ? -8.634  -6.242  -5.130  1.00 0.49 ? 6 2AU B "O5'"  1 
HETATM 347 C "C5'"  . 2AU B 1 6 ? -8.445  -7.591  -5.557  1.00 0.40 ? 6 2AU B "C5'"  1 
HETATM 348 C "C4'"  . 2AU B 1 6 ? -7.550  -8.325  -4.586  1.00 0.37 ? 6 2AU B "C4'"  1 
HETATM 349 O "O4'"  . 2AU B 1 6 ? -6.171  -7.931  -4.836  1.00 0.34 ? 6 2AU B "O4'"  1 
HETATM 350 C "C3'"  . 2AU B 1 6 ? -7.801  -8.013  -3.114  1.00 0.38 ? 6 2AU B "C3'"  1 
HETATM 351 O "O3'"  . 2AU B 1 6 ? -7.536  -9.138  -2.267  1.00 0.45 ? 6 2AU B "O3'"  1 
HETATM 352 C "C2'"  . 2AU B 1 6 ? -6.850  -6.852  -2.848  1.00 0.30 ? 6 2AU B "C2'"  1 
HETATM 353 C "C1'"  . 2AU B 1 6 ? -5.654  -7.249  -3.710  1.00 0.31 ? 6 2AU B "C1'"  1 
HETATM 354 N N1     . 2AU B 1 6 ? -4.855  -6.109  -4.184  1.00 0.37 ? 6 2AU B N1     1 
HETATM 355 C C2     . 2AU B 1 6 ? -3.757  -5.731  -3.429  1.00 0.49 ? 6 2AU B C2     1 
HETATM 356 O O2     . 2AU B 1 6 ? -3.431  -6.297  -2.401  1.00 0.52 ? 6 2AU B O2     1 
HETATM 357 N N3     . 2AU B 1 6 ? -3.054  -4.663  -3.925  1.00 0.63 ? 6 2AU B N3     1 
HETATM 358 C C4     . 2AU B 1 6 ? -3.326  -3.951  -5.071  1.00 0.67 ? 6 2AU B C4     1 
HETATM 359 O O4     . 2AU B 1 6 ? -2.587  -3.020  -5.393  1.00 0.83 ? 6 2AU B O4     1 
HETATM 360 C C5     . 2AU B 1 6 ? -4.474  -4.400  -5.793  1.00 0.56 ? 6 2AU B C5     1 
HETATM 361 C C6     . 2AU B 1 6 ? -5.185  -5.438  -5.339  1.00 0.42 ? 6 2AU B C6     1 
HETATM 362 N "N2'"  . 2AU B 1 6 ? -6.447  -6.821  -1.450  1.00 0.28 ? 6 2AU B "N2'"  1 
HETATM 363 H "H5'"  . 2AU B 1 6 ? -7.987  -7.606  -6.548  1.00 0.37 ? 6 2AU B "H5'"  1 
HETATM 364 H "H5''" . 2AU B 1 6 ? -9.407  -8.100  -5.606  1.00 0.49 ? 6 2AU B "H5''" 1 
HETATM 365 H "H4'"  . 2AU B 1 6 ? -7.728  -9.394  -4.715  1.00 0.44 ? 6 2AU B "H4'"  1 
HETATM 366 H "H3'"  . 2AU B 1 6 ? -8.842  -7.745  -2.936  1.00 0.46 ? 6 2AU B "H3'"  1 
HETATM 367 H "HO3'" . 2AU B 1 6 ? -6.618  -9.075  -1.992  1.00 0.52 ? 6 2AU B "HO3'" 1 
HETATM 368 H "H2'"  . 2AU B 1 6 ? -7.289  -5.909  -3.179  1.00 0.35 ? 6 2AU B "H2'"  1 
HETATM 369 H "H1'"  . 2AU B 1 6 ? -4.986  -7.941  -3.194  1.00 0.37 ? 6 2AU B "H1'"  1 
HETATM 370 H H3     . 2AU B 1 6 ? -2.252  -4.362  -3.395  1.00 0.75 ? 6 2AU B H3     1 
HETATM 371 H H5     . 2AU B 1 6 ? -4.773  -3.897  -6.713  1.00 0.62 ? 6 2AU B H5     1 
HETATM 372 O OP2    . 2AU B 1 6 ? -10.103 -4.526  -6.182  1.00 0.65 ? 6 2AU B OP2    1 
HETATM 373 H H6     . 2AU B 1 6 ? -6.055  -5.765  -5.907  1.00 0.41 ? 6 2AU B H6     1 
HETATM 374 H HA1    . 2AU B 1 6 ? -5.476  -7.255  -1.154  1.00 0.26 ? 6 2AU B HA1    1 
HETATM 375 N N1     . NIX C 2 . ? 7.847   5.565   -0.458  1.00 0.28 ? 7 NIX A N1     1 
HETATM 376 C C2     . NIX C 2 . ? 7.500   5.639   -1.785  1.00 0.29 ? 7 NIX A C2     1 
HETATM 377 C C3     . NIX C 2 . ? 6.341   6.206   -2.256  1.00 0.26 ? 7 NIX A C3     1 
HETATM 378 C C4     . NIX C 2 . ? 5.375   6.782   -1.346  1.00 0.23 ? 7 NIX A C4     1 
HETATM 379 O O4     . NIX C 2 . ? 4.308   7.312   -1.699  1.00 0.23 ? 7 NIX A O4     1 
HETATM 380 C C4A    . NIX C 2 . ? 5.740   6.707   0.078   1.00 0.22 ? 7 NIX A C4A    1 
HETATM 381 C C5     . NIX C 2 . ? 4.873   7.238   1.060   1.00 0.22 ? 7 NIX A C5     1 
HETATM 382 C C6     . NIX C 2 . ? 5.219   7.166   2.402   1.00 0.23 ? 7 NIX A C6     1 
HETATM 383 C C7     . NIX C 2 . ? 6.453   6.551   2.759   1.00 0.24 ? 7 NIX A C7     1 
HETATM 384 N N8     . NIX C 2 . ? 7.307   6.032   1.852   1.00 0.25 ? 7 NIX A N8     1 
HETATM 385 C C8A    . NIX C 2 . ? 6.963   6.104   0.515   1.00 0.24 ? 7 NIX A C8A    1 
HETATM 386 C C9     . NIX C 2 . ? 6.800   6.489   4.215   1.00 0.26 ? 7 NIX A C9     1 
HETATM 387 C C1E    . NIX C 2 . ? 9.110   4.935   -0.090  1.00 0.33 ? 7 NIX A C1E    1 
HETATM 388 C C2E    . NIX C 2 . ? 10.253  5.911   0.132   1.00 1.54 ? 7 NIX A C2E    1 
HETATM 389 C C1L    . NIX C 2 . ? 6.167   6.180   -3.721  1.00 0.29 ? 7 NIX A C1L    1 
HETATM 390 O O1L    . NIX C 2 . ? 7.044   5.666   -4.462  1.00 0.33 ? 7 NIX A O1L    1 
HETATM 391 H H2     . NIX C 2 . ? 8.228   5.202   -2.509  1.00 0.33 ? 7 NIX A H2     1 
HETATM 392 H H5     . NIX C 2 . ? 3.926   7.706   0.729   1.00 0.24 ? 7 NIX A H5     1 
HETATM 393 H H6     . NIX C 2 . ? 4.563   7.572   3.186   1.00 0.26 ? 7 NIX A H6     1 
HETATM 394 H H91    . NIX C 2 . ? 6.237   7.288   4.760   1.00 0.98 ? 7 NIX A H91    1 
HETATM 395 H H92    . NIX C 2 . ? 6.551   5.501   4.677   1.00 0.93 ? 7 NIX A H92    1 
HETATM 396 H H93    . NIX C 2 . ? 7.896   6.674   4.340   1.00 1.07 ? 7 NIX A H93    1 
HETATM 397 H HE11   . NIX C 2 . ? 9.394   4.211   -0.909  1.00 0.95 ? 7 NIX A HE11   1 
HETATM 398 H HE21   . NIX C 2 . ? 8.944   4.332   0.850   1.00 1.08 ? 7 NIX A HE21   1 
HETATM 399 H HE12   . NIX C 2 . ? 11.156  5.523   -0.401  1.00 1.96 ? 7 NIX A HE12   1 
HETATM 400 H HE22   . NIX C 2 . ? 10.007  6.919   -0.281  1.00 2.14 ? 7 NIX A HE22   1 
HETATM 401 H HE32   . NIX C 2 . ? 10.496  6.016   1.215   1.00 2.26 ? 7 NIX A HE32   1 
HETATM 402 N N1     . NIX D 2 . ? -7.236  -5.674  3.179   1.00 0.28 ? 7 NIX B N1     1 
HETATM 403 C C2     . NIX D 2 . ? -7.536  -5.741  1.841   1.00 0.29 ? 7 NIX B C2     1 
HETATM 404 C C3     . NIX D 2 . ? -6.725  -6.302  0.887   1.00 0.27 ? 7 NIX B C3     1 
HETATM 405 C C4     . NIX D 2 . ? -5.448  -6.881  1.249   1.00 0.23 ? 7 NIX B C4     1 
HETATM 406 O O4     . NIX D 2 . ? -4.662  -7.406  0.443   1.00 0.24 ? 7 NIX B O4     1 
HETATM 407 C C4A    . NIX D 2 . ? -5.119  -6.814  2.683   1.00 0.22 ? 7 NIX B C4A    1 
HETATM 408 C C5     . NIX D 2 . ? -3.898  -7.349  3.154   1.00 0.23 ? 7 NIX B C5     1 
HETATM 409 C C6     . NIX D 2 . ? -3.589  -7.286  4.506   1.00 0.24 ? 7 NIX B C6     1 
HETATM 410 C C7     . NIX D 2 . ? -4.522  -6.675  5.393   1.00 0.24 ? 7 NIX B C7     1 
HETATM 411 N N8     . NIX D 2 . ? -5.697  -6.153  4.981   1.00 0.25 ? 7 NIX B N8     1 
HETATM 412 C C8A    . NIX D 2 . ? -6.004  -6.217  3.636   1.00 0.24 ? 7 NIX B C8A    1 
HETATM 413 C C9     . NIX D 2 . ? -4.163  -6.621  6.847   1.00 0.26 ? 7 NIX B C9     1 
HETATM 414 C C1E    . NIX D 2 . ? -8.190  -5.050  4.090   1.00 0.33 ? 7 NIX B C1E    1 
HETATM 415 C C2E    . NIX D 2 . ? -9.103  -6.030  4.805   1.00 1.54 ? 7 NIX B C2E    1 
HETATM 416 C C1L    . NIX D 2 . ? -7.242  -6.268  -0.495  1.00 0.29 ? 7 NIX B C1L    1 
HETATM 417 O O1L    . NIX D 2 . ? -8.360  -5.753  -0.746  1.00 0.34 ? 7 NIX B O1L    1 
HETATM 418 H H2     . NIX D 2 . ? -8.518  -5.301  1.535   1.00 0.34 ? 7 NIX B H2     1 
HETATM 419 H H5     . NIX D 2 . ? -3.208  -7.812  2.423   1.00 0.24 ? 7 NIX B H5     1 
HETATM 420 H H6     . NIX D 2 . ? -2.646  -7.694  4.898   1.00 0.26 ? 7 NIX B H6     1 
HETATM 421 H H91    . NIX D 2 . ? -3.432  -7.439  7.073   1.00 1.06 ? 7 NIX B H91    1 
HETATM 422 H H92    . NIX D 2 . ? -5.049  -6.743  7.516   1.00 1.04 ? 7 NIX B H92    1 
HETATM 423 H H93    . NIX D 2 . ? -3.681  -5.637  7.068   1.00 1.12 ? 7 NIX B H93    1 
HETATM 424 H HE11   . NIX D 2 . ? -8.817  -4.321  3.497   1.00 0.95 ? 7 NIX B HE11   1 
HETATM 425 H HE21   . NIX D 2 . ? -7.610  -4.451  4.853   1.00 1.09 ? 7 NIX B HE21   1 
HETATM 426 H HE12   . NIX D 2 . ? -10.149 -5.640  4.750   1.00 2.14 ? 7 NIX B HE12   1 
HETATM 427 H HE22   . NIX D 2 . ? -9.074  -7.036  4.322   1.00 2.04 ? 7 NIX B HE22   1 
HETATM 428 H HE32   . NIX D 2 . ? -8.821  -6.142  5.880   1.00 2.20 ? 7 NIX B HE32   1 
ATOM   429 O "O5'"  . DA  A 1 1 ? -4.010  -12.878 8.630   1.00 1.50 ? 1 DA  A "O5'"  2 
ATOM   430 C "C5'"  . DA  A 1 1 ? -4.388  -13.172 7.282   1.00 0.92 ? 1 DA  A "C5'"  2 
ATOM   431 C "C4'"  . DA  A 1 1 ? -3.342  -12.682 6.309   1.00 0.71 ? 1 DA  A "C4'"  2 
ATOM   432 O "O4'"  . DA  A 1 1 ? -3.867  -12.779 4.963   1.00 0.79 ? 1 DA  A "O4'"  2 
ATOM   433 C "C3'"  . DA  A 1 1 ? -2.934  -11.221 6.482   1.00 0.74 ? 1 DA  A "C3'"  2 
ATOM   434 O "O3'"  . DA  A 1 1 ? -1.793  -11.120 7.342   1.00 0.77 ? 1 DA  A "O3'"  2 
ATOM   435 C "C2'"  . DA  A 1 1 ? -2.588  -10.797 5.068   1.00 1.18 ? 1 DA  A "C2'"  2 
ATOM   436 C "C1'"  . DA  A 1 1 ? -3.581  -11.591 4.234   1.00 0.91 ? 1 DA  A "C1'"  2 
ATOM   437 N N9     . DA  A 1 1 ? -4.849  -10.904 3.982   1.00 0.83 ? 1 DA  A N9     2 
ATOM   438 C C8     . DA  A 1 1 ? -5.784  -10.498 4.902   1.00 0.95 ? 1 DA  A C8     2 
ATOM   439 N N7     . DA  A 1 1 ? -6.827  -9.909  4.370   1.00 1.00 ? 1 DA  A N7     2 
ATOM   440 C C5     . DA  A 1 1 ? -6.562  -9.929  3.008   1.00 0.89 ? 1 DA  A C5     2 
ATOM   441 C C6     . DA  A 1 1 ? -7.284  -9.460  1.896   1.00 1.00 ? 1 DA  A C6     2 
ATOM   442 N N6     . DA  A 1 1 ? -8.470  -8.856  1.983   1.00 1.20 ? 1 DA  A N6     2 
ATOM   443 N N1     . DA  A 1 1 ? -6.738  -9.635  0.673   1.00 1.01 ? 1 DA  A N1     2 
ATOM   444 C C2     . DA  A 1 1 ? -5.548  -10.244 0.584   1.00 0.93 ? 1 DA  A C2     2 
ATOM   445 N N3     . DA  A 1 1 ? -4.776  -10.729 1.553   1.00 0.84 ? 1 DA  A N3     2 
ATOM   446 C C4     . DA  A 1 1 ? -5.346  -10.538 2.754   1.00 0.80 ? 1 DA  A C4     2 
ATOM   447 H "H5'"  . DA  A 1 1 ? -5.338  -12.687 7.056   1.00 1.14 ? 1 DA  A "H5'"  2 
ATOM   448 H "H5''" . DA  A 1 1 ? -4.504  -14.249 7.164   1.00 1.19 ? 1 DA  A "H5''" 2 
ATOM   449 H "H4'"  . DA  A 1 1 ? -2.441  -13.280 6.463   1.00 0.77 ? 1 DA  A "H4'"  2 
ATOM   450 H "H3'"  . DA  A 1 1 ? -3.752  -10.632 6.897   1.00 1.01 ? 1 DA  A "H3'"  2 
ATOM   451 H "H2'"  . DA  A 1 1 ? -2.705  -9.721  4.936   1.00 1.60 ? 1 DA  A "H2'"  2 
ATOM   452 H "H2''" . DA  A 1 1 ? -1.557  -11.048 4.820   1.00 1.64 ? 1 DA  A "H2''" 2 
ATOM   453 H "H1'"  . DA  A 1 1 ? -3.145  -11.881 3.277   1.00 1.12 ? 1 DA  A "H1'"  2 
ATOM   454 H H8     . DA  A 1 1 ? -5.672  -10.649 5.965   1.00 1.08 ? 1 DA  A H8     2 
ATOM   455 H H61    . DA  A 1 1 ? -8.939  -8.548  1.143   1.00 1.32 ? 1 DA  A H61    2 
ATOM   456 H H62    . DA  A 1 1 ? -8.900  -8.714  2.885   1.00 1.29 ? 1 DA  A H62    2 
ATOM   457 H H2     . DA  A 1 1 ? -5.156  -10.358 -0.428  1.00 1.06 ? 1 DA  A H2     2 
ATOM   458 H "HO5'" . DA  A 1 1 ? -3.191  -12.375 8.592   1.00 1.85 ? 1 DA  A "HO5'" 2 
ATOM   459 P P      . DC  A 1 2 ? -1.304  -9.676  7.852   1.00 0.81 ? 2 DC  A P      2 
ATOM   460 O OP1    . DC  A 1 2 ? -0.161  -9.889  8.771   1.00 1.51 ? 2 DC  A OP1    2 
ATOM   461 O OP2    . DC  A 1 2 ? -2.491  -8.922  8.325   1.00 1.64 ? 2 DC  A OP2    2 
ATOM   462 O "O5'"  . DC  A 1 2 ? -0.773  -8.961  6.529   1.00 0.72 ? 2 DC  A "O5'"  2 
ATOM   463 C "C5'"  . DC  A 1 2 ? 0.574   -8.491  6.429   1.00 0.56 ? 2 DC  A "C5'"  2 
ATOM   464 C "C4'"  . DC  A 1 2 ? 1.011   -8.470  4.983   1.00 0.41 ? 2 DC  A "C4'"  2 
ATOM   465 O "O4'"  . DC  A 1 2 ? 0.023   -7.761  4.202   1.00 0.31 ? 2 DC  A "O4'"  2 
ATOM   466 C "C3'"  . DC  A 1 2 ? 2.335   -7.757  4.717   1.00 0.37 ? 2 DC  A "C3'"  2 
ATOM   467 O "O3'"  . DC  A 1 2 ? 3.008   -8.359  3.604   1.00 0.42 ? 2 DC  A "O3'"  2 
ATOM   468 C "C2'"  . DC  A 1 2 ? 1.908   -6.337  4.391   1.00 0.33 ? 2 DC  A "C2'"  2 
ATOM   469 C "C1'"  . DC  A 1 2 ? 0.520   -6.497  3.782   1.00 0.29 ? 2 DC  A "C1'"  2 
ATOM   470 N N1     . DC  A 1 2 ? -0.459  -5.475  4.193   1.00 0.28 ? 2 DC  A N1     2 
ATOM   471 C C2     . DC  A 1 2 ? -1.350  -4.971  3.240   1.00 0.24 ? 2 DC  A C2     2 
ATOM   472 O O2     . DC  A 1 2 ? -1.276  -5.380  2.072   1.00 0.24 ? 2 DC  A O2     2 
ATOM   473 N N3     . DC  A 1 2 ? -2.270  -4.052  3.613   1.00 0.25 ? 2 DC  A N3     2 
ATOM   474 C C4     . DC  A 1 2 ? -2.312  -3.629  4.878   1.00 0.30 ? 2 DC  A C4     2 
ATOM   475 N N4     . DC  A 1 2 ? -3.237  -2.724  5.201   1.00 0.33 ? 2 DC  A N4     2 
ATOM   476 C C5     . DC  A 1 2 ? -1.411  -4.116  5.867   1.00 0.36 ? 2 DC  A C5     2 
ATOM   477 C C6     . DC  A 1 2 ? -0.510  -5.030  5.485   1.00 0.33 ? 2 DC  A C6     2 
ATOM   478 H "H5'"  . DC  A 1 2 ? 1.236   -9.149  6.992   1.00 1.04 ? 2 DC  A "H5'"  2 
ATOM   479 H "H5''" . DC  A 1 2 ? 0.641   -7.483  6.838   1.00 1.00 ? 2 DC  A "H5''" 2 
ATOM   480 H "H4'"  . DC  A 1 2 ? 1.145   -9.506  4.666   1.00 0.59 ? 2 DC  A "H4'"  2 
ATOM   481 H "H3'"  . DC  A 1 2 ? 2.984   -7.796  5.592   1.00 0.40 ? 2 DC  A "H3'"  2 
ATOM   482 H "H2'"  . DC  A 1 2 ? 1.899   -5.710  5.282   1.00 0.34 ? 2 DC  A "H2'"  2 
ATOM   483 H "H2''" . DC  A 1 2 ? 2.583   -5.876  3.672   1.00 0.34 ? 2 DC  A "H2''" 2 
ATOM   484 H "H1'"  . DC  A 1 2 ? 0.572   -6.505  2.693   1.00 0.28 ? 2 DC  A "H1'"  2 
ATOM   485 H H41    . DC  A 1 2 ? -3.874  -2.386  4.494   1.00 0.31 ? 2 DC  A H41    2 
ATOM   486 H H42    . DC  A 1 2 ? -3.304  -2.378  6.148   1.00 0.40 ? 2 DC  A H42    2 
ATOM   487 H H5     . DC  A 1 2 ? -1.453  -3.757  6.896   1.00 0.43 ? 2 DC  A H5     2 
ATOM   488 H H6     . DC  A 1 2 ? 0.191   -5.426  6.221   1.00 0.38 ? 2 DC  A H6     2 
ATOM   489 P P      . DG  A 1 3 ? 4.507   -7.906  3.232   1.00 0.64 ? 3 DG  A P      2 
ATOM   490 O OP1    . DG  A 1 3 ? 5.307   -9.129  2.958   1.00 1.32 ? 3 DG  A OP1    2 
ATOM   491 O OP2    . DG  A 1 3 ? 4.966   -6.949  4.271   1.00 1.11 ? 3 DG  A OP2    2 
ATOM   492 O "O5'"  . DG  A 1 3 ? 4.332   -7.105  1.866   1.00 0.42 ? 3 DG  A "O5'"  2 
ATOM   493 C "C5'"  . DG  A 1 3 ? 4.031   -7.788  0.649   1.00 0.29 ? 3 DG  A "C5'"  2 
ATOM   494 C "C4'"  . DG  A 1 3 ? 3.837   -6.797  -0.476  1.00 0.26 ? 3 DG  A "C4'"  2 
ATOM   495 O "O4'"  . DG  A 1 3 ? 2.803   -5.849  -0.107  1.00 0.26 ? 3 DG  A "O4'"  2 
ATOM   496 C "C3'"  . DG  A 1 3 ? 5.070   -5.954  -0.804  1.00 0.27 ? 3 DG  A "C3'"  2 
ATOM   497 O "O3'"  . DG  A 1 3 ? 5.128   -5.689  -2.209  1.00 0.31 ? 3 DG  A "O3'"  2 
ATOM   498 C "C2'"  . DG  A 1 3 ? 4.825   -4.677  -0.025  1.00 0.29 ? 3 DG  A "C2'"  2 
ATOM   499 C "C1'"  . DG  A 1 3 ? 3.323   -4.531  -0.168  1.00 0.27 ? 3 DG  A "C1'"  2 
ATOM   500 N N9     . DG  A 1 3 ? 2.667   -3.743  0.871   1.00 0.25 ? 3 DG  A N9     2 
ATOM   501 C C8     . DG  A 1 3 ? 3.045   -3.616  2.186   1.00 0.25 ? 3 DG  A C8     2 
ATOM   502 N N7     . DG  A 1 3 ? 2.236   -2.866  2.885   1.00 0.25 ? 3 DG  A N7     2 
ATOM   503 C C5     . DG  A 1 3 ? 1.270   -2.463  1.971   1.00 0.25 ? 3 DG  A C5     2 
ATOM   504 C C6     . DG  A 1 3 ? 0.130   -1.633  2.140   1.00 0.25 ? 3 DG  A C6     2 
ATOM   505 O O6     . DG  A 1 3 ? -0.273  -1.073  3.168   1.00 0.26 ? 3 DG  A O6     2 
ATOM   506 N N1     . DG  A 1 3 ? -0.574  -1.481  0.950   1.00 0.25 ? 3 DG  A N1     2 
ATOM   507 C C2     . DG  A 1 3 ? -0.225  -2.052  -0.250  1.00 0.26 ? 3 DG  A C2     2 
ATOM   508 N N2     . DG  A 1 3 ? -1.025  -1.785  -1.288  1.00 0.28 ? 3 DG  A N2     2 
ATOM   509 N N3     . DG  A 1 3 ? 0.830   -2.826  -0.421  1.00 0.26 ? 3 DG  A N3     2 
ATOM   510 C C4     . DG  A 1 3 ? 1.527   -2.989  0.723   1.00 0.25 ? 3 DG  A C4     2 
ATOM   511 H "H5'"  . DG  A 1 3 ? 3.118   -8.371  0.770   1.00 0.39 ? 3 DG  A "H5'"  2 
ATOM   512 H "H5''" . DG  A 1 3 ? 4.852   -8.456  0.393   1.00 0.30 ? 3 DG  A "H5''" 2 
ATOM   513 H "H4'"  . DG  A 1 3 ? 3.598   -7.364  -1.377  1.00 0.28 ? 3 DG  A "H4'"  2 
ATOM   514 H "H3'"  . DG  A 1 3 ? 5.986   -6.456  -0.491  1.00 0.28 ? 3 DG  A "H3'"  2 
ATOM   515 H "H2'"  . DG  A 1 3 ? 5.133   -4.786  1.015   1.00 0.29 ? 3 DG  A "H2'"  2 
ATOM   516 H "H2''" . DG  A 1 3 ? 5.383   -3.843  -0.446  1.00 0.34 ? 3 DG  A "H2''" 2 
ATOM   517 H "H1'"  . DG  A 1 3 ? 3.062   -4.111  -1.142  1.00 0.33 ? 3 DG  A "H1'"  2 
ATOM   518 H H8     . DG  A 1 3 ? 3.929   -4.080  2.598   1.00 0.25 ? 3 DG  A H8     2 
ATOM   519 H H1     . DG  A 1 3 ? -1.405  -0.907  0.972   1.00 0.26 ? 3 DG  A H1     2 
ATOM   520 H H21    . DG  A 1 3 ? -1.835  -1.188  -1.173  1.00 0.28 ? 3 DG  A H21    2 
ATOM   521 H H22    . DG  A 1 3 ? -0.812  -2.179  -2.193  1.00 0.29 ? 3 DG  A H22    2 
ATOM   522 P P      . DC  A 1 4 ? 6.549   -5.422  -2.913  1.00 0.38 ? 4 DC  A P      2 
ATOM   523 O OP1    . DC  A 1 4 ? 7.234   -6.728  -3.083  1.00 0.40 ? 4 DC  A OP1    2 
ATOM   524 O OP2    . DC  A 1 4 ? 7.222   -4.332  -2.163  1.00 0.44 ? 4 DC  A OP2    2 
ATOM   525 O "O5'"  . DC  A 1 4 ? 6.168   -4.867  -4.358  1.00 0.45 ? 4 DC  A "O5'"  2 
ATOM   526 C "C5'"  . DC  A 1 4 ? 4.804   -4.734  -4.765  1.00 0.44 ? 4 DC  A "C5'"  2 
ATOM   527 C "C4'"  . DC  A 1 4 ? 4.444   -3.275  -4.924  1.00 0.45 ? 4 DC  A "C4'"  2 
ATOM   528 O "O4'"  . DC  A 1 4 ? 3.871   -2.796  -3.692  1.00 0.33 ? 4 DC  A "O4'"  2 
ATOM   529 C "C3'"  . DC  A 1 4 ? 5.620   -2.343  -5.208  1.00 0.54 ? 4 DC  A "C3'"  2 
ATOM   530 O "O3'"  . DC  A 1 4 ? 5.727   -2.116  -6.618  1.00 0.79 ? 4 DC  A "O3'"  2 
ATOM   531 C "C2'"  . DC  A 1 4 ? 5.261   -1.055  -4.476  1.00 0.39 ? 4 DC  A "C2'"  2 
ATOM   532 C "C1'"  . DC  A 1 4 ? 4.048   -1.396  -3.615  1.00 0.33 ? 4 DC  A "C1'"  2 
ATOM   533 N N1     . DC  A 1 4 ? 4.174   -1.041  -2.192  1.00 0.26 ? 4 DC  A N1     2 
ATOM   534 C C2     . DC  A 1 4 ? 3.146   -0.311  -1.589  1.00 0.24 ? 4 DC  A C2     2 
ATOM   535 O O2     . DC  A 1 4 ? 2.170   0.023   -2.272  1.00 0.26 ? 4 DC  A O2     2 
ATOM   536 N N3     . DC  A 1 4 ? 3.241   0.010   -0.279  1.00 0.23 ? 4 DC  A N3     2 
ATOM   537 C C4     . DC  A 1 4 ? 4.309   -0.371  0.424   1.00 0.23 ? 4 DC  A C4     2 
ATOM   538 N N4     . DC  A 1 4 ? 4.357   -0.038  1.714   1.00 0.28 ? 4 DC  A N4     2 
ATOM   539 C C5     . DC  A 1 4 ? 5.376   -1.111  -0.165  1.00 0.23 ? 4 DC  A C5     2 
ATOM   540 C C6     . DC  A 1 4 ? 5.267   -1.421  -1.465  1.00 0.25 ? 4 DC  A C6     2 
ATOM   541 H "H5'"  . DC  A 1 4 ? 4.152   -5.182  -4.015  1.00 0.40 ? 4 DC  A "H5'"  2 
ATOM   542 H "H5''" . DC  A 1 4 ? 4.655   -5.243  -5.717  1.00 0.50 ? 4 DC  A "H5''" 2 
ATOM   543 H "H4'"  . DC  A 1 4 ? 3.765   -3.192  -5.774  1.00 0.56 ? 4 DC  A "H4'"  2 
ATOM   544 H "H3'"  . DC  A 1 4 ? 6.554   -2.770  -4.843  1.00 0.63 ? 4 DC  A "H3'"  2 
ATOM   545 H "H2'"  . DC  A 1 4 ? 6.097   -0.687  -3.883  1.00 0.42 ? 4 DC  A "H2'"  2 
ATOM   546 H "H2''" . DC  A 1 4 ? 4.981   -0.268  -5.176  1.00 0.38 ? 4 DC  A "H2''" 2 
ATOM   547 H "H1'"  . DC  A 1 4 ? 3.147   -0.921  -4.011  1.00 0.38 ? 4 DC  A "H1'"  2 
ATOM   548 H H41    . DC  A 1 4 ? 3.589   0.474   2.126   1.00 0.30 ? 4 DC  A H41    2 
ATOM   549 H H42    . DC  A 1 4 ? 5.146   -0.307  2.283   1.00 0.30 ? 4 DC  A H42    2 
ATOM   550 H H5     . DC  A 1 4 ? 6.247   -1.409  0.417   1.00 0.25 ? 4 DC  A H5     2 
ATOM   551 H H6     . DC  A 1 4 ? 6.065   -1.986  -1.947  1.00 0.28 ? 4 DC  A H6     2 
ATOM   552 P P      . DG  A 1 5 ? 6.962   -1.268  -7.203  1.00 0.48 ? 5 DG  A P      2 
ATOM   553 O OP1    . DG  A 1 5 ? 7.413   -1.915  -8.462  1.00 0.95 ? 5 DG  A OP1    2 
ATOM   554 O OP2    . DG  A 1 5 ? 7.935   -1.054  -6.100  1.00 0.82 ? 5 DG  A OP2    2 
ATOM   555 O "O5'"  . DG  A 1 5 ? 6.318   0.143   -7.570  1.00 0.79 ? 5 DG  A "O5'"  2 
ATOM   556 C "C5'"  . DG  A 1 5 ? 4.969   0.235   -8.034  1.00 0.69 ? 5 DG  A "C5'"  2 
ATOM   557 C "C4'"  . DG  A 1 5 ? 4.374   1.570   -7.651  1.00 0.70 ? 5 DG  A "C4'"  2 
ATOM   558 O "O4'"  . DG  A 1 5 ? 4.277   1.646   -6.206  1.00 0.58 ? 5 DG  A "O4'"  2 
ATOM   559 C "C3'"  . DG  A 1 5 ? 5.193   2.791   -8.082  1.00 0.78 ? 5 DG  A "C3'"  2 
ATOM   560 O "O3'"  . DG  A 1 5 ? 4.321   3.832   -8.539  1.00 0.90 ? 5 DG  A "O3'"  2 
ATOM   561 C "C2'"  . DG  A 1 5 ? 5.903   3.201   -6.804  1.00 0.69 ? 5 DG  A "C2'"  2 
ATOM   562 C "C1'"  . DG  A 1 5 ? 4.864   2.854   -5.762  1.00 0.58 ? 5 DG  A "C1'"  2 
ATOM   563 N N9     . DG  A 1 5 ? 5.394   2.637   -4.419  1.00 0.48 ? 5 DG  A N9     2 
ATOM   564 C C8     . DG  A 1 5 ? 6.562   2.002   -4.086  1.00 0.48 ? 5 DG  A C8     2 
ATOM   565 N N7     . DG  A 1 5 ? 6.768   1.944   -2.798  1.00 0.46 ? 5 DG  A N7     2 
ATOM   566 C C5     . DG  A 1 5 ? 5.670   2.593   -2.248  1.00 0.39 ? 5 DG  A C5     2 
ATOM   567 C C6     . DG  A 1 5 ? 5.340   2.856   -0.892  1.00 0.36 ? 5 DG  A C6     2 
ATOM   568 O O6     . DG  A 1 5 ? 5.970   2.555   0.128   1.00 0.43 ? 5 DG  A O6     2 
ATOM   569 N N1     . DG  A 1 5 ? 4.138   3.547   -0.783  1.00 0.31 ? 5 DG  A N1     2 
ATOM   570 C C2     . DG  A 1 5 ? 3.357   3.939   -1.841  1.00 0.35 ? 5 DG  A C2     2 
ATOM   571 N N2     . DG  A 1 5 ? 2.238   4.605   -1.531  1.00 0.38 ? 5 DG  A N2     2 
ATOM   572 N N3     . DG  A 1 5 ? 3.651   3.700   -3.108  1.00 0.42 ? 5 DG  A N3     2 
ATOM   573 C C4     . DG  A 1 5 ? 4.814   3.028   -3.237  1.00 0.41 ? 5 DG  A C4     2 
ATOM   574 H "H5'"  . DG  A 1 5 ? 4.372   -0.561  -7.590  1.00 0.67 ? 5 DG  A "H5'"  2 
ATOM   575 H "H5''" . DG  A 1 5 ? 4.948   0.134   -9.119  1.00 0.72 ? 5 DG  A "H5''" 2 
ATOM   576 H "H4'"  . DG  A 1 5 ? 3.407   1.653   -8.150  1.00 0.79 ? 5 DG  A "H4'"  2 
ATOM   577 H "H3'"  . DG  A 1 5 ? 5.895   2.535   -8.874  1.00 0.85 ? 5 DG  A "H3'"  2 
ATOM   578 H "H2'"  . DG  A 1 5 ? 6.829   2.642   -6.669  1.00 0.66 ? 5 DG  A "H2'"  2 
ATOM   579 H "H2''" . DG  A 1 5 ? 6.161   4.259   -6.811  1.00 0.77 ? 5 DG  A "H2''" 2 
ATOM   580 H "H1'"  . DG  A 1 5 ? 4.082   3.612   -5.713  1.00 0.62 ? 5 DG  A "H1'"  2 
ATOM   581 H H8     . DG  A 1 5 ? 7.250   1.607   -4.818  1.00 0.53 ? 5 DG  A H8     2 
ATOM   582 H H1     . DG  A 1 5 ? 3.817   3.779   0.146   1.00 0.28 ? 5 DG  A H1     2 
ATOM   583 H H21    . DG  A 1 5 ? 2.009   4.804   -0.567  1.00 0.33 ? 5 DG  A H21    2 
ATOM   584 H H22    . DG  A 1 5 ? 1.625   4.921   -2.270  1.00 0.48 ? 5 DG  A H22    2 
HETATM 585 P P      . 2AU A 1 6 ? 4.895   5.011   -9.470  1.00 1.00 ? 6 2AU A P      2 
HETATM 586 O OP1    . 2AU A 1 6 ? 3.791   5.431   -10.365 1.00 1.12 ? 6 2AU A OP1    2 
HETATM 587 O "O5'"  . 2AU A 1 6 ? 5.190   6.196   -8.445  1.00 0.87 ? 6 2AU A "O5'"  2 
HETATM 588 C "C5'"  . 2AU A 1 6 ? 4.837   7.545   -8.752  1.00 0.70 ? 6 2AU A "C5'"  2 
HETATM 589 C "C4'"  . 2AU A 1 6 ? 4.487   8.291   -7.484  1.00 0.59 ? 6 2AU A "C4'"  2 
HETATM 590 O "O4'"  . 2AU A 1 6 ? 3.155   7.887   -7.057  1.00 0.60 ? 6 2AU A "O4'"  2 
HETATM 591 C "C3'"  . 2AU A 1 6 ? 5.394   8.006   -6.293  1.00 0.55 ? 6 2AU A "C3'"  2 
HETATM 592 O "O3'"  . 2AU A 1 6 ? 5.515   9.141   -5.430  1.00 0.55 ? 6 2AU A "O3'"  2 
HETATM 593 C "C2'"  . 2AU A 1 6 ? 4.701   6.825   -5.623  1.00 0.52 ? 6 2AU A "C2'"  2 
HETATM 594 C "C1'"  . 2AU A 1 6 ? 3.234   7.198   -5.825  1.00 0.55 ? 6 2AU A "C1'"  2 
HETATM 595 N N1     . 2AU A 1 6 ? 2.326   6.043   -5.879  1.00 0.65 ? 6 2AU A N1     2 
HETATM 596 C C2     . 2AU A 1 6 ? 1.677   5.676   -4.715  1.00 0.73 ? 6 2AU A C2     2 
HETATM 597 O O2     . 2AU A 1 6 ? 1.828   6.263   -3.657  1.00 0.73 ? 6 2AU A O2     2 
HETATM 598 N N3     . 2AU A 1 6 ? 0.842   4.594   -4.833  1.00 0.88 ? 6 2AU A N3     2 
HETATM 599 C C4     . 2AU A 1 6 ? 0.595   3.857   -5.968  1.00 0.95 ? 6 2AU A C4     2 
HETATM 600 O O4     . 2AU A 1 6 ? -0.199  2.917   -5.918  1.00 1.10 ? 6 2AU A O4     2 
HETATM 601 C C5     . 2AU A 1 6 ? 1.305   4.296   -7.128  1.00 0.86 ? 6 2AU A C5     2 
HETATM 602 C C6     . 2AU A 1 6 ? 2.126   5.347   -7.052  1.00 0.73 ? 6 2AU A C6     2 
HETATM 603 N "N2'"  . 2AU A 1 6 ? 4.995   6.782   -4.198  1.00 0.44 ? 6 2AU A "N2'"  2 
HETATM 604 H "H5'"  . 2AU A 1 6 ? 3.979   7.561   -9.425  1.00 0.72 ? 6 2AU A "H5'"  2 
HETATM 605 H "H5''" . 2AU A 1 6 ? 5.676   8.044   -9.236  1.00 0.71 ? 6 2AU A "H5''" 2 
HETATM 606 H "H4'"  . 2AU A 1 6 ? 4.572   9.359   -7.696  1.00 0.60 ? 6 2AU A "H4'"  2 
HETATM 607 H "H3'"  . 2AU A 1 6 ? 6.407   7.765   -6.613  1.00 0.63 ? 6 2AU A "H3'"  2 
HETATM 608 H "HO3'" . 2AU A 1 6 ? 5.512   8.816   -4.526  1.00 0.68 ? 6 2AU A "HO3'" 2 
HETATM 609 H "H2'"  . 2AU A 1 6 ? 4.952   5.892   -6.132  1.00 0.60 ? 6 2AU A "H2'"  2 
HETATM 610 H "H1'"  . 2AU A 1 6 ? 2.872   7.879   -5.054  1.00 0.55 ? 6 2AU A "H1'"  2 
HETATM 611 H H3     . 2AU A 1 6 ? 0.354   4.304   -4.001  1.00 0.99 ? 6 2AU A H3     2 
HETATM 612 H H5     . 2AU A 1 6 ? 1.177   3.773   -8.076  1.00 0.94 ? 6 2AU A H5     2 
HETATM 613 O OP2    . 2AU A 1 6 ? 6.185   4.575   -10.059 1.00 1.14 ? 6 2AU A OP2    2 
HETATM 614 H H6     . 2AU A 1 6 ? 2.655   5.666   -7.948  1.00 0.73 ? 6 2AU A H6     2 
HETATM 615 H HA1    . 2AU A 1 6 ? 4.321   7.290   -3.487  1.00 0.40 ? 6 2AU A HA1    2 
ATOM   616 O "O5'"  . DA  B 1 1 ? 7.657   13.123  5.342   1.00 1.50 ? 1 DA  B "O5'"  2 
ATOM   617 C "C5'"  . DA  B 1 1 ? 7.346   13.368  3.967   1.00 0.93 ? 1 DA  B "C5'"  2 
ATOM   618 C "C4'"  . DA  B 1 1 ? 5.962   12.865  3.629   1.00 0.71 ? 1 DA  B "C4'"  2 
ATOM   619 O "O4'"  . DA  B 1 1 ? 5.775   12.924  2.195   1.00 0.80 ? 1 DA  B "O4'"  2 
ATOM   620 C "C3'"  . DA  B 1 1 ? 5.693   11.412  4.015   1.00 0.74 ? 1 DA  B "C3'"  2 
ATOM   621 O "O3'"  . DA  B 1 1 ? 5.108   11.343  5.321   1.00 0.77 ? 1 DA  B "O3'"  2 
ATOM   622 C "C2'"  . DA  B 1 1 ? 4.708   10.959  2.954   1.00 1.18 ? 1 DA  B "C2'"  2 
ATOM   623 C "C1'"  . DA  B 1 1 ? 5.173   11.724  1.725   1.00 0.91 ? 1 DA  B "C1'"  2 
ATOM   624 N N9     . DA  B 1 1 ? 6.159   11.019  0.906   1.00 0.84 ? 1 DA  B N9     2 
ATOM   625 C C8     . DA  B 1 1 ? 7.422   10.617  1.267   1.00 0.96 ? 1 DA  B C8     2 
ATOM   626 N N7     . DA  B 1 1 ? 8.076   10.006  0.310   1.00 1.02 ? 1 DA  B N7     2 
ATOM   627 C C5     . DA  B 1 1 ? 7.187   10.006  -0.754  1.00 0.91 ? 1 DA  B C5     2 
ATOM   628 C C6     . DA  B 1 1 ? 7.280   9.508   -2.066  1.00 1.02 ? 1 DA  B C6     2 
ATOM   629 N N6     . DA  B 1 1 ? 8.359   8.890   -2.550  1.00 1.22 ? 1 DA  B N6     2 
ATOM   630 N N1     . DA  B 1 1 ? 6.212   9.668   -2.876  1.00 1.02 ? 1 DA  B N1     2 
ATOM   631 C C2     . DA  B 1 1 ? 5.128   10.291  -2.393  1.00 0.94 ? 1 DA  B C2     2 
ATOM   632 N N3     . DA  B 1 1 ? 4.921   10.802  -1.181  1.00 0.85 ? 1 DA  B N3     2 
ATOM   633 C C4     . DA  B 1 1 ? 6.001   10.624  -0.402  1.00 0.81 ? 1 DA  B C4     2 
ATOM   634 H "H5'"  . DA  B 1 1 ? 8.073   12.860  3.333   1.00 1.15 ? 1 DA  B "H5'"  2 
ATOM   635 H "H5''" . DA  B 1 1 ? 7.391   14.439  3.769   1.00 1.19 ? 1 DA  B "H5''" 2 
ATOM   636 H "H4'"  . DA  B 1 1 ? 5.245   13.475  4.181   1.00 0.76 ? 1 DA  B "H4'"  2 
ATOM   637 H "H3'"  . DA  B 1 1 ? 6.610   10.824  3.999   1.00 1.01 ? 1 DA  B "H3'"  2 
ATOM   638 H "H2'"  . DA  B 1 1 ? 4.750   9.880   2.810   1.00 1.60 ? 1 DA  B "H2'"  2 
ATOM   639 H "H2''" . DA  B 1 1 ? 3.684   11.214  3.228   1.00 1.63 ? 1 DA  B "H2''" 2 
ATOM   640 H "H1'"  . DA  B 1 1 ? 4.327   11.998  1.091   1.00 1.11 ? 1 DA  B "H1'"  2 
ATOM   641 H H8     . DA  B 1 1 ? 7.838   10.789  2.249   1.00 1.09 ? 1 DA  B H8     2 
ATOM   642 H H61    . DA  B 1 1 ? 8.364   8.562   -3.505  1.00 1.33 ? 1 DA  B H61    2 
ATOM   643 H H62    . DA  B 1 1 ? 9.171   8.758   -1.964  1.00 1.30 ? 1 DA  B H62    2 
ATOM   644 H H2     . DA  B 1 1 ? 4.298   10.392  -3.092  1.00 1.06 ? 1 DA  B H2     2 
ATOM   645 H "HO5'" . DA  B 1 1 ? 6.934   12.608  5.710   1.00 1.85 ? 1 DA  B "HO5'" 2 
ATOM   646 P P      . DC  B 1 2 ? 4.921   9.915   6.037   1.00 0.78 ? 2 DC  B P      2 
ATOM   647 O OP1    . DC  B 1 2 ? 4.367   10.138  7.394   1.00 1.51 ? 2 DC  B OP1    2 
ATOM   648 O OP2    . DC  B 1 2 ? 6.193   9.168   5.880   1.00 1.56 ? 2 DC  B OP2    2 
ATOM   649 O "O5'"  . DC  B 1 2 ? 3.823   9.179   5.145   1.00 0.60 ? 2 DC  B "O5'"  2 
ATOM   650 C "C5'"  . DC  B 1 2 ? 2.598   8.710   5.714   1.00 0.56 ? 2 DC  B "C5'"  2 
ATOM   651 C "C4'"  . DC  B 1 2 ? 1.521   8.655   4.655   1.00 0.41 ? 2 DC  B "C4'"  2 
ATOM   652 O "O4'"  . DC  B 1 2 ? 2.024   7.919   3.516   1.00 0.31 ? 2 DC  B "O4'"  2 
ATOM   653 C "C3'"  . DC  B 1 2 ? 0.235   7.947   5.074   1.00 0.37 ? 2 DC  B "C3'"  2 
ATOM   654 O "O3'"  . DC  B 1 2 ? -0.896  8.541   4.424   1.00 0.42 ? 2 DC  B "O3'"  2 
ATOM   655 C "C2'"  . DC  B 1 2 ? 0.446   6.519   4.599   1.00 0.33 ? 2 DC  B "C2'"  2 
ATOM   656 C "C1'"  . DC  B 1 2 ? 1.379   6.658   3.402   1.00 0.29 ? 2 DC  B "C1'"  2 
ATOM   657 N N1     . DC  B 1 2 ? 2.430   5.627   3.313   1.00 0.28 ? 2 DC  B N1     2 
ATOM   658 C C2     . DC  B 1 2 ? 2.762   5.109   2.057   1.00 0.24 ? 2 DC  B C2     2 
ATOM   659 O O2     . DC  B 1 2 ? 2.149   5.514   1.058   1.00 0.24 ? 2 DC  B O2     2 
ATOM   660 N N3     . DC  B 1 2 ? 3.741   4.183   1.960   1.00 0.25 ? 2 DC  B N3     2 
ATOM   661 C C4     . DC  B 1 2 ? 4.374   3.765   3.059   1.00 0.31 ? 2 DC  B C4     2 
ATOM   662 N N4     . DC  B 1 2 ? 5.336   2.854   2.915   1.00 0.34 ? 2 DC  B N4     2 
ATOM   663 C C5     . DC  B 1 2 ? 4.050   4.266   4.353   1.00 0.36 ? 2 DC  B C5     2 
ATOM   664 C C6     . DC  B 1 2 ? 3.081   5.188   4.433   1.00 0.33 ? 2 DC  B C6     2 
ATOM   665 H "H5'"  . DC  B 1 2 ? 2.280   9.384   6.511   1.00 0.99 ? 2 DC  B "H5'"  2 
ATOM   666 H "H5''" . DC  B 1 2 ? 2.744   7.712   6.127   1.00 0.97 ? 2 DC  B "H5''" 2 
ATOM   667 H "H4'"  . DC  B 1 2 ? 1.246   9.684   4.413   1.00 0.59 ? 2 DC  B "H4'"  2 
ATOM   668 H "H3'"  . DC  B 1 2 ? 0.093   7.998   6.154   1.00 0.41 ? 2 DC  B "H3'"  2 
ATOM   669 H "H2'"  . DC  B 1 2 ? 0.871   5.897   5.385   1.00 0.35 ? 2 DC  B "H2'"  2 
ATOM   670 H "H2''" . DC  B 1 2 ? -0.492  6.063   4.290   1.00 0.34 ? 2 DC  B "H2''" 2 
ATOM   671 H "H1'"  . DC  B 1 2 ? 0.817   6.656   2.467   1.00 0.28 ? 2 DC  B "H1'"  2 
ATOM   672 H H41    . DC  B 1 2 ? 5.559   2.502   1.995   1.00 0.31 ? 2 DC  B H41    2 
ATOM   673 H H42    . DC  B 1 2 ? 5.841   2.512   3.721   1.00 0.40 ? 2 DC  B H42    2 
ATOM   674 H H5     . DC  B 1 2 ? 4.568   3.911   5.243   1.00 0.43 ? 2 DC  B H5     2 
ATOM   675 H H6     . DC  B 1 2 ? 2.812   5.594   5.407   1.00 0.38 ? 2 DC  B H6     2 
ATOM   676 P P      . DG  B 1 3 ? -2.386  8.083   4.829   1.00 0.64 ? 3 DG  B P      2 
ATOM   677 O OP1    . DG  B 1 3 ? -3.231  9.299   4.943   1.00 1.32 ? 3 DG  B OP1    2 
ATOM   678 O OP2    . DG  B 1 3 ? -2.279  7.154   5.983   1.00 1.11 ? 3 DG  B OP2    2 
ATOM   679 O "O5'"  . DG  B 1 3 ? -2.880  7.245   3.566   1.00 0.42 ? 3 DG  B "O5'"  2 
ATOM   680 C "C5'"  . DG  B 1 3 ? -3.219  7.896   2.340   1.00 0.29 ? 3 DG  B "C5'"  2 
ATOM   681 C "C4'"  . DG  B 1 3 ? -3.592  6.876   1.290   1.00 0.26 ? 3 DG  B "C4'"  2 
ATOM   682 O "O4'"  . DG  B 1 3 ? -2.502  5.932   1.131   1.00 0.26 ? 3 DG  B "O4'"  2 
ATOM   683 C "C3'"  . DG  B 1 3 ? -4.823  6.033   1.624   1.00 0.27 ? 3 DG  B "C3'"  2 
ATOM   684 O "O3'"  . DG  B 1 3 ? -5.556  5.732   0.432   1.00 0.32 ? 3 DG  B "O3'"  2 
ATOM   685 C "C2'"  . DG  B 1 3 ? -4.219  4.774   2.215   1.00 0.29 ? 3 DG  B "C2'"  2 
ATOM   686 C "C1'"  . DG  B 1 3 ? -2.978  4.614   1.361   1.00 0.27 ? 3 DG  B "C1'"  2 
ATOM   687 N N9     . DG  B 1 3 ? -1.892  3.848   1.966   1.00 0.25 ? 3 DG  B N9     2 
ATOM   688 C C8     . DG  B 1 3 ? -1.579  3.755   3.300   1.00 0.25 ? 3 DG  B C8     2 
ATOM   689 N N7     . DG  B 1 3 ? -0.528  3.016   3.532   1.00 0.24 ? 3 DG  B N7     2 
ATOM   690 C C5     . DG  B 1 3 ? -0.130  2.585   2.273   1.00 0.24 ? 3 DG  B C5     2 
ATOM   691 C C6     . DG  B 1 3 ? 0.953   1.750   1.884   1.00 0.24 ? 3 DG  B C6     2 
ATOM   692 O O6     . DG  B 1 3 ? 1.808   1.213   2.598   1.00 0.25 ? 3 DG  B O6     2 
ATOM   693 N N1     . DG  B 1 3 ? 0.986   1.566   0.506   1.00 0.25 ? 3 DG  B N1     2 
ATOM   694 C C2     . DG  B 1 3 ? 0.094   2.111   -0.383  1.00 0.26 ? 3 DG  B C2     2 
ATOM   695 N N2     . DG  B 1 3 ? 0.286   1.814   -1.673  1.00 0.27 ? 3 DG  B N2     2 
ATOM   696 N N3     . DG  B 1 3 ? -0.915  2.888   -0.036  1.00 0.26 ? 3 DG  B N3     2 
ATOM   697 C C4     . DG  B 1 3 ? -0.967  3.083   1.298   1.00 0.25 ? 3 DG  B C4     2 
ATOM   698 H "H5'"  . DG  B 1 3 ? -2.370  8.479   1.987   1.00 0.39 ? 3 DG  B "H5'"  2 
ATOM   699 H "H5''" . DG  B 1 3 ? -4.067  8.560   2.504   1.00 0.30 ? 3 DG  B "H5''" 2 
ATOM   700 H "H4'"  . DG  B 1 3 ? -3.825  7.420   0.372   1.00 0.28 ? 3 DG  B "H4'"  2 
ATOM   701 H "H3'"  . DG  B 1 3 ? -5.474  6.547   2.330   1.00 0.28 ? 3 DG  B "H3'"  2 
ATOM   702 H "H2'"  . DG  B 1 3 ? -3.982  4.910   3.270   1.00 0.29 ? 3 DG  B "H2'"  2 
ATOM   703 H "H2''" . DG  B 1 3 ? -4.907  3.933   2.140   1.00 0.34 ? 3 DG  B "H2''" 2 
ATOM   704 H "H1'"  . DG  B 1 3 ? -3.223  4.171   0.394   1.00 0.33 ? 3 DG  B "H1'"  2 
ATOM   705 H H8     . DG  B 1 3 ? -2.153  4.232   4.080   1.00 0.25 ? 3 DG  B H8     2 
ATOM   706 H H1     . DG  B 1 3 ? 1.725   0.986   0.135   1.00 0.25 ? 3 DG  B H1     2 
ATOM   707 H H21    . DG  B 1 3 ? 1.053   1.216   -1.954  1.00 0.27 ? 3 DG  B H21    2 
ATOM   708 H H22    . DG  B 1 3 ? -0.344  2.188   -2.368  1.00 0.29 ? 3 DG  B H22    2 
ATOM   709 P P      . DC  B 1 4 ? -7.132  5.435   0.516   1.00 0.39 ? 4 DC  B P      2 
ATOM   710 O OP1    . DC  B 1 4 ? -7.837  6.727   0.715   1.00 0.40 ? 4 DC  B OP1    2 
ATOM   711 O OP2    . DC  B 1 4 ? -7.330  4.334   1.493   1.00 0.45 ? 4 DC  B OP2    2 
ATOM   712 O "O5'"  . DC  B 1 4 ? -7.502  4.884   -0.934  1.00 0.45 ? 4 DC  B "O5'"  2 
ATOM   713 C "C5'"  . DC  B 1 4 ? -6.502  4.733   -1.945  1.00 0.44 ? 4 DC  B "C5'"  2 
ATOM   714 C "C4'"  . DC  B 1 4 ? -6.261  3.269   -2.227  1.00 0.46 ? 4 DC  B "C4'"  2 
ATOM   715 O "O4'"  . DC  B 1 4 ? -5.157  2.812   -1.422  1.00 0.33 ? 4 DC  B "O4'"  2 
ATOM   716 C "C3'"  . DC  B 1 4 ? -7.422  2.341   -1.881  1.00 0.54 ? 4 DC  B "C3'"  2 
ATOM   717 O "O3'"  . DC  B 1 4 ? -8.206  2.089   -3.054  1.00 0.79 ? 4 DC  B "O3'"  2 
ATOM   718 C "C2'"  . DC  B 1 4 ? -6.747  1.064   -1.396  1.00 0.39 ? 4 DC  B "C2'"  2 
ATOM   719 C "C1'"  . DC  B 1 4 ? -5.269  1.413   -1.239  1.00 0.33 ? 4 DC  B "C1'"  2 
ATOM   720 N N1     . DC  B 1 4 ? -4.689  1.089   0.075   1.00 0.26 ? 4 DC  B N1     2 
ATOM   721 C C2     . DC  B 1 4 ? -3.495  0.366   0.122   1.00 0.24 ? 4 DC  B C2     2 
ATOM   722 O O2     . DC  B 1 4 ? -2.969  0.012   -0.942  1.00 0.26 ? 4 DC  B O2     2 
ATOM   723 N N3     . DC  B 1 4 ? -2.943  0.074   1.320   1.00 0.23 ? 4 DC  B N3     2 
ATOM   724 C C4     . DC  B 1 4 ? -3.539  0.476   2.444   1.00 0.24 ? 4 DC  B C4     2 
ATOM   725 N N4     . DC  B 1 4 ? -2.953  0.171   3.602   1.00 0.28 ? 4 DC  B N4     2 
ATOM   726 C C5     . DC  B 1 4 ? -4.761  1.209   2.428   1.00 0.24 ? 4 DC  B C5     2 
ATOM   727 C C6     . DC  B 1 4 ? -5.296  1.491   1.232   1.00 0.25 ? 4 DC  B C6     2 
ATOM   728 H "H5'"  . DC  B 1 4 ? -5.570  5.190   -1.612  1.00 0.40 ? 4 DC  B "H5'"  2 
ATOM   729 H "H5''" . DC  B 1 4 ? -6.831  5.224   -2.861  1.00 0.51 ? 4 DC  B "H5''" 2 
ATOM   730 H "H4'"  . DC  B 1 4 ? -6.082  3.164   -3.300  1.00 0.57 ? 4 DC  B "H4'"  2 
ATOM   731 H "H3'"  . DC  B 1 4 ? -8.059  2.780   -1.114  1.00 0.63 ? 4 DC  B "H3'"  2 
ATOM   732 H "H2'"  . DC  B 1 4 ? -7.188  0.709   -0.465  1.00 0.43 ? 4 DC  B "H2'"  2 
ATOM   733 H "H2''" . DC  B 1 4 ? -6.840  0.263   -2.131  1.00 0.38 ? 4 DC  B "H2''" 2 
ATOM   734 H "H1'"  . DC  B 1 4 ? -4.672  0.923   -2.010  1.00 0.38 ? 4 DC  B "H1'"  2 
ATOM   735 H H41    . DC  B 1 4 ? -2.080  -0.336  3.601   1.00 0.30 ? 4 DC  B H41    2 
ATOM   736 H H42    . DC  B 1 4 ? -3.371  0.458   4.476   1.00 0.31 ? 4 DC  B H42    2 
ATOM   737 H H5     . DC  B 1 4 ? -5.244  1.525   3.354   1.00 0.26 ? 4 DC  B H5     2 
ATOM   738 H H6     . DC  B 1 4 ? -6.232  2.050   1.184   1.00 0.28 ? 4 DC  B H6     2 
ATOM   739 P P      . DG  B 1 5 ? -9.558  1.224   -2.946  1.00 0.48 ? 5 DG  B P      2 
ATOM   740 O OP1    . DG  B 1 5 ? -10.570 1.833   -3.847  1.00 0.96 ? 5 DG  B OP1    2 
ATOM   741 O OP2    . DG  B 1 5 ? -9.872  1.046   -1.505  1.00 0.82 ? 5 DG  B OP2    2 
ATOM   742 O "O5'"  . DG  B 1 5 ? -9.150  -0.196  -3.540  1.00 0.79 ? 5 DG  B "O5'"  2 
ATOM   743 C "C5'"  . DG  B 1 5 ? -8.210  -0.302  -4.612  1.00 0.69 ? 5 DG  B "C5'"  2 
ATOM   744 C "C4'"  . DG  B 1 5 ? -7.494  -1.631  -4.550  1.00 0.70 ? 5 DG  B "C4'"  2 
ATOM   745 O "O4'"  . DG  B 1 5 ? -6.703  -1.685  -3.335  1.00 0.58 ? 5 DG  B "O4'"  2 
ATOM   746 C "C3'"  . DG  B 1 5 ? -8.413  -2.856  -4.508  1.00 0.78 ? 5 DG  B "C3'"  2 
ATOM   747 O "O3'"  . DG  B 1 5 ? -7.865  -3.908  -5.314  1.00 0.90 ? 5 DG  B "O3'"  2 
ATOM   748 C "C2'"  . DG  B 1 5 ? -8.411  -3.242  -3.040  1.00 0.69 ? 5 DG  B "C2'"  2 
ATOM   749 C "C1'"  . DG  B 1 5 ? -6.999  -2.880  -2.638  1.00 0.58 ? 5 DG  B "C1'"  2 
ATOM   750 N N9     . DG  B 1 5 ? -6.813  -2.633  -1.212  1.00 0.48 ? 5 DG  B N9     2 
ATOM   751 C C8     . DG  B 1 5 ? -7.678  -1.985  -0.367  1.00 0.48 ? 5 DG  B C8     2 
ATOM   752 N N7     . DG  B 1 5 ? -7.237  -1.900  0.857   1.00 0.46 ? 5 DG  B N7     2 
ATOM   753 C C5     . DG  B 1 5 ? -6.006  -2.544  0.821   1.00 0.39 ? 5 DG  B C5     2 
ATOM   754 C C6     . DG  B 1 5 ? -5.060  -2.781  1.853   1.00 0.36 ? 5 DG  B C6     2 
ATOM   755 O O6     . DG  B 1 5 ? -5.119  -2.454  3.044   1.00 0.43 ? 5 DG  B O6     2 
ATOM   756 N N1     . DG  B 1 5 ? -3.953  -3.477  1.382   1.00 0.30 ? 5 DG  B N1     2 
ATOM   757 C C2     . DG  B 1 5 ? -3.778  -3.895  0.087   1.00 0.35 ? 5 DG  B C2     2 
ATOM   758 N N2     . DG  B 1 5 ? -2.646  -4.561  -0.169  1.00 0.38 ? 5 DG  B N2     2 
ATOM   759 N N3     . DG  B 1 5 ? -4.649  -3.681  -0.884  1.00 0.42 ? 5 DG  B N3     2 
ATOM   760 C C4     . DG  B 1 5 ? -5.733  -3.005  -0.449  1.00 0.41 ? 5 DG  B C4     2 
ATOM   761 H "H5'"  . DG  B 1 5 ? -7.476  0.501   -4.537  1.00 0.67 ? 5 DG  B "H5'"  2 
ATOM   762 H "H5''" . DG  B 1 5 ? -8.731  -0.221  -5.566  1.00 0.72 ? 5 DG  B "H5''" 2 
ATOM   763 H "H4'"  . DG  B 1 5 ? -6.893  -1.722  -5.457  1.00 0.79 ? 5 DG  B "H4'"  2 
ATOM   764 H "H3'"  . DG  B 1 5 ? -9.412  -2.611  -4.866  1.00 0.85 ? 5 DG  B "H3'"  2 
ATOM   765 H "H2'"  . DG  B 1 5 ? -9.157  -2.674  -2.483  1.00 0.66 ? 5 DG  B "H2'"  2 
ATOM   766 H "H2''" . DG  B 1 5 ? -8.636  -4.296  -2.903  1.00 0.77 ? 5 DG  B "H2''" 2 
ATOM   767 H "H1'"  . DG  B 1 5 ? -6.288  -3.643  -2.959  1.00 0.62 ? 5 DG  B "H1'"  2 
ATOM   768 H H8     . DG  B 1 5 ? -8.637  -1.600  -0.684  1.00 0.53 ? 5 DG  B H8     2 
ATOM   769 H H1     . DG  B 1 5 ? -3.222  -3.691  2.046   1.00 0.28 ? 5 DG  B H1     2 
ATOM   770 H H21    . DG  B 1 5 ? -1.978  -4.740  0.569   1.00 0.33 ? 5 DG  B H21    2 
ATOM   771 H H22    . DG  B 1 5 ? -2.465  -4.895  -1.104  1.00 0.48 ? 5 DG  B H22    2 
HETATM 772 P P      . 2AU B 1 6 ? -8.813  -5.101  -5.831  1.00 1.00 ? 6 2AU B P      2 
HETATM 773 O OP1    . 2AU B 1 6 ? -8.297  -5.554  -7.145  1.00 1.13 ? 6 2AU B OP1    2 
HETATM 774 O "O5'"  . 2AU B 1 6 ? -8.576  -6.262  -4.765  1.00 0.87 ? 6 2AU B "O5'"  2 
HETATM 775 C "C5'"  . 2AU B 1 6 ? -8.402  -7.619  -5.176  1.00 0.69 ? 6 2AU B "C5'"  2 
HETATM 776 C "C4'"  . 2AU B 1 6 ? -7.485  -8.339  -4.213  1.00 0.59 ? 6 2AU B "C4'"  2 
HETATM 777 O "O4'"  . 2AU B 1 6 ? -6.113  -7.936  -4.488  1.00 0.59 ? 6 2AU B "O4'"  2 
HETATM 778 C "C3'"  . 2AU B 1 6 ? -7.712  -8.017  -2.741  1.00 0.55 ? 6 2AU B "C3'"  2 
HETATM 779 O "O3'"  . 2AU B 1 6 ? -7.406  -9.133  -1.898  1.00 0.55 ? 6 2AU B "O3'"  2 
HETATM 780 C "C2'"  . 2AU B 1 6 ? -6.783  -6.830  -2.510  1.00 0.52 ? 6 2AU B "C2'"  2 
HETATM 781 C "C1'"  . 2AU B 1 6 ? -5.593  -7.219  -3.384  1.00 0.55 ? 6 2AU B "C1'"  2 
HETATM 782 N N1     . 2AU B 1 6 ? -4.827  -6.073  -3.896  1.00 0.65 ? 6 2AU B N1     2 
HETATM 783 C C2     . 2AU B 1 6 ? -3.690  -5.696  -3.204  1.00 0.73 ? 6 2AU B C2     2 
HETATM 784 O O2     . 2AU B 1 6 ? -3.304  -6.266  -2.199  1.00 0.72 ? 6 2AU B O2     2 
HETATM 785 N N3     . 2AU B 1 6 ? -3.019  -4.623  -3.734  1.00 0.88 ? 6 2AU B N3     2 
HETATM 786 C C4     . 2AU B 1 6 ? -3.359  -3.905  -4.858  1.00 0.94 ? 6 2AU B C4     2 
HETATM 787 O O4     . 2AU B 1 6 ? -2.641  -2.972  -5.218  1.00 1.10 ? 6 2AU B O4     2 
HETATM 788 C C5     . 2AU B 1 6 ? -4.547  -4.355  -5.514  1.00 0.86 ? 6 2AU B C5     2 
HETATM 789 C C6     . 2AU B 1 6 ? -5.226  -5.397  -5.027  1.00 0.73 ? 6 2AU B C6     2 
HETATM 790 N "N2'"  . 2AU B 1 6 ? -6.360  -6.762  -1.120  1.00 0.44 ? 6 2AU B "N2'"  2 
HETATM 791 H "H5'"  . 2AU B 1 6 ? -7.969  -7.651  -6.176  1.00 0.72 ? 6 2AU B "H5'"  2 
HETATM 792 H "H5''" . 2AU B 1 6 ? -9.367  -8.125  -5.191  1.00 0.71 ? 6 2AU B "H5''" 2 
HETATM 793 H "H4'"  . 2AU B 1 6 ? -7.658  -9.409  -4.332  1.00 0.60 ? 6 2AU B "H4'"  2 
HETATM 794 H "H3'"  . 2AU B 1 6 ? -8.756  -7.772  -2.543  1.00 0.63 ? 6 2AU B "H3'"  2 
HETATM 795 H "HO3'" . 2AU B 1 6 ? -6.937  -8.795  -1.131  1.00 0.67 ? 6 2AU B "HO3'" 2 
HETATM 796 H "H2'"  . 2AU B 1 6 ? -7.249  -5.905  -2.854  1.00 0.60 ? 6 2AU B "H2'"  2 
HETATM 797 H "H1'"  . 2AU B 1 6 ? -4.902  -7.886  -2.867  1.00 0.54 ? 6 2AU B "H1'"  2 
HETATM 798 H H3     . 2AU B 1 6 ? -2.186  -4.324  -3.252  1.00 0.98 ? 6 2AU B H3     2 
HETATM 799 H H5     . 2AU B 1 6 ? -4.897  -3.847  -6.413  1.00 0.94 ? 6 2AU B H5     2 
HETATM 800 O OP2    . 2AU B 1 6 ? -10.223 -4.653  -5.716  1.00 1.15 ? 6 2AU B OP2    2 
HETATM 801 H H6     . 2AU B 1 6 ? -6.127  -5.724  -5.545  1.00 0.73 ? 6 2AU B H6     2 
HETATM 802 H HA1    . 2AU B 1 6 ? -5.394  -7.204  -0.822  1.00 0.40 ? 6 2AU B HA1    2 
HETATM 803 N N1     . NIX C 2 . ? 7.735   5.396   -0.463  1.00 0.36 ? 7 NIX A N1     2 
HETATM 804 C C2     . NIX C 2 . ? 7.382   5.485   -1.788  1.00 0.38 ? 7 NIX A C2     2 
HETATM 805 C C3     . NIX C 2 . ? 6.278   6.152   -2.256  1.00 0.36 ? 7 NIX A C3     2 
HETATM 806 C C4     . NIX C 2 . ? 5.381   6.830   -1.345  1.00 0.29 ? 7 NIX A C4     2 
HETATM 807 O O4     . NIX C 2 . ? 4.364   7.452   -1.696  1.00 0.31 ? 7 NIX A O4     2 
HETATM 808 C C4A    . NIX C 2 . ? 5.752   6.740   0.077   1.00 0.25 ? 7 NIX A C4A    2 
HETATM 809 C C5     . NIX C 2 . ? 4.949   7.364   1.058   1.00 0.21 ? 7 NIX A C5     2 
HETATM 810 C C6     . NIX C 2 . ? 5.300   7.280   2.398   1.00 0.21 ? 7 NIX A C6     2 
HETATM 811 C C7     . NIX C 2 . ? 6.475   6.557   2.754   1.00 0.27 ? 7 NIX A C7     2 
HETATM 812 N N8     . NIX C 2 . ? 7.267   5.946   1.846   1.00 0.31 ? 7 NIX A N8     2 
HETATM 813 C C8A    . NIX C 2 . ? 6.917   6.030   0.512   1.00 0.30 ? 7 NIX A C8A    2 
HETATM 814 C C9     . NIX C 2 . ? 6.831   6.484   4.207   1.00 0.33 ? 7 NIX A C9     2 
HETATM 815 C C1E    . NIX C 2 . ? 8.937   4.652   -0.100  1.00 0.43 ? 7 NIX A C1E    2 
HETATM 816 C C2E    . NIX C 2 . ? 10.068  5.506   0.438   1.00 1.38 ? 7 NIX A C2E    2 
HETATM 817 C C1L    . NIX C 2 . ? 6.086   6.124   -3.719  1.00 0.42 ? 7 NIX A C1L    2 
HETATM 818 O O1L    . NIX C 2 . ? 6.902   5.519   -4.459  1.00 0.48 ? 7 NIX A O1L    2 
HETATM 819 H H2     . NIX C 2 . ? 8.059   4.969   -2.513  1.00 0.44 ? 7 NIX A H2     2 
HETATM 820 H H5     . NIX C 2 . ? 4.045   7.914   0.728   1.00 0.21 ? 7 NIX A H5     2 
HETATM 821 H H6     . NIX C 2 . ? 4.693   7.757   3.182   1.00 0.20 ? 7 NIX A H6     2 
HETATM 822 H H91    . NIX C 2 . ? 6.434   5.530   4.634   1.00 1.06 ? 7 NIX A H91    2 
HETATM 823 H H92    . NIX C 2 . ? 7.934   6.524   4.386   1.00 1.07 ? 7 NIX A H92    2 
HETATM 824 H H93    . NIX C 2 . ? 6.353   7.343   4.743   1.00 1.16 ? 7 NIX A H93    2 
HETATM 825 H HE11   . NIX C 2 . ? 9.296   4.097   -1.017  1.00 1.02 ? 7 NIX A HE11   2 
HETATM 826 H HE21   . NIX C 2 . ? 8.652   3.878   0.671   1.00 1.02 ? 7 NIX A HE21   2 
HETATM 827 H HE12   . NIX C 2 . ? 10.997  5.265   -0.138  1.00 1.74 ? 7 NIX A HE12   2 
HETATM 828 H HE22   . NIX C 2 . ? 9.849   6.593   0.315   1.00 2.08 ? 7 NIX A HE22   2 
HETATM 829 H HE32   . NIX C 2 . ? 10.258  5.299   1.519   1.00 1.96 ? 7 NIX A HE32   2 
HETATM 830 N N1     . NIX D 2 . ? -7.057  -5.454  3.482   1.00 0.35 ? 7 NIX B N1     2 
HETATM 831 C C2     . NIX D 2 . ? -7.380  -5.556  2.151   1.00 0.37 ? 7 NIX B C2     2 
HETATM 832 C C3     . NIX D 2 . ? -6.594  -6.161  1.202   1.00 0.35 ? 7 NIX B C3     2 
HETATM 833 C C4     . NIX D 2 . ? -5.324  -6.752  1.562   1.00 0.29 ? 7 NIX B C4     2 
HETATM 834 O O4     . NIX D 2 . ? -4.560  -7.316  0.760   1.00 0.30 ? 7 NIX B O4     2 
HETATM 835 C C4A    . NIX D 2 . ? -4.968  -6.647  2.986   1.00 0.25 ? 7 NIX B C4A    2 
HETATM 836 C C5     . NIX D 2 . ? -3.749  -7.190  3.450   1.00 0.20 ? 7 NIX B C5     2 
HETATM 837 C C6     . NIX D 2 . ? -3.413  -7.092  4.793   1.00 0.21 ? 7 NIX B C6     2 
HETATM 838 C C7     . NIX D 2 . ? -4.317  -6.438  5.678   1.00 0.27 ? 7 NIX B C7     2 
HETATM 839 N N8     . NIX D 2 . ? -5.491  -5.906  5.273   1.00 0.31 ? 7 NIX B N8     2 
HETATM 840 C C8A    . NIX D 2 . ? -5.826  -6.005  3.936   1.00 0.29 ? 7 NIX B C8A    2 
HETATM 841 C C9     . NIX D 2 . ? -3.925  -6.346  7.121   1.00 0.33 ? 7 NIX B C9     2 
HETATM 842 C C1E    . NIX D 2 . ? -7.988  -4.784  4.387   1.00 0.42 ? 7 NIX B C1E    2 
HETATM 843 C C2E    . NIX D 2 . ? -7.512  -3.436  4.898   1.00 1.49 ? 7 NIX B C2E    2 
HETATM 844 C C1L    . NIX D 2 . ? -7.131  -6.162  -0.171  1.00 0.42 ? 7 NIX B C1L    2 
HETATM 845 O O1L    . NIX D 2 . ? -8.242  -5.634  -0.423  1.00 0.47 ? 7 NIX B O1L    2 
HETATM 846 H H2     . NIX D 2 . ? -8.358  -5.107  1.846   1.00 0.42 ? 7 NIX B H2     2 
HETATM 847 H H5     . NIX D 2 . ? -3.081  -7.689  2.720   1.00 0.20 ? 7 NIX B H5     2 
HETATM 848 H H6     . NIX D 2 . ? -2.470  -7.506  5.181   1.00 0.20 ? 7 NIX B H6     2 
HETATM 849 H H91    . NIX D 2 . ? -3.459  -5.347  7.310   1.00 0.94 ? 7 NIX B H91    2 
HETATM 850 H H92    . NIX D 2 . ? -3.198  -7.140  7.421   1.00 1.05 ? 7 NIX B H92    2 
HETATM 851 H H93    . NIX D 2 . ? -4.840  -6.443  7.757   1.00 1.09 ? 7 NIX B H93    2 
HETATM 852 H HE11   . NIX D 2 . ? -8.181  -5.470  5.264   1.00 1.07 ? 7 NIX B HE11   2 
HETATM 853 H HE21   . NIX D 2 . ? -8.969  -4.649  3.842   1.00 1.04 ? 7 NIX B HE21   2 
HETATM 854 H HE12   . NIX D 2 . ? -6.652  -3.105  4.264   1.00 2.02 ? 7 NIX B HE12   2 
HETATM 855 H HE22   . NIX D 2 . ? -8.321  -2.669  4.826   1.00 2.17 ? 7 NIX B HE22   2 
HETATM 856 H HE32   . NIX D 2 . ? -7.172  -3.498  5.959   1.00 1.96 ? 7 NIX B HE32   2 
# 
